data_5IE3
#
_entry.id   5IE3
#
_cell.length_a   71.193
_cell.length_b   117.043
_cell.length_c   72.062
_cell.angle_alpha   90.00
_cell.angle_beta   93.59
_cell.angle_gamma   90.00
#
_symmetry.space_group_name_H-M   'P 1 21 1'
#
loop_
_entity.id
_entity.type
_entity.pdbx_description
1 polymer 'Oxalate--CoA ligase'
2 non-polymer 'ADENOSINE MONOPHOSPHATE'
3 non-polymer 'OXALIC ACID'
4 water water
#
_entity_poly.entity_id   1
_entity_poly.type   'polypeptide(L)'
_entity_poly.pdbx_seq_one_letter_code
;MDSDTLSGLLENVAKKFPDRRALSVSGKFNLTHARLHDLIERAASRLVSDAGIKPGDVVALTFPNTVEFVIMFLAVIRAR
ATAAPLNAAYTAEEFEFYLSDSDSKLLLTSKEGNAPAQEAASKLKISHVTATLLDAGSDLVLSVADSDSVVDSATELVNH
PDDGALFLHTSGTTSRPKGVPLTQLNLASSVKNIKAVYKLTESDSTVIVLPLFHVHGLLAGLLSSLGAGAAVTLPAAGRF
SATTFWPDMKKYNATWYTAVPTIHQIILDRHASHPETEYPKLRFIRSCSASLAPVILSRLEEAFGAPVLEAYAMTEATHL
MSSNPLPEEGPHKPGSVGKPVGQEMAILNEKGEIQEPNNKGEVCIRGPNVTKGYKNNPEANKAGFEFGWFHTGDIGYFDT
DGYLHLVGRIKELINRGGEKISPIEVDAVLLTHPDVSQGVAFGVPDEKYGEEINCAVIPREGTTVTEEDIKAFCKKNLAA
FKVPKRVFITDNLPKTASGKIQRRIVAQHFLEKP
;
_entity_poly.pdbx_strand_id   A,B
#
loop_
_chem_comp.id
_chem_comp.type
_chem_comp.name
_chem_comp.formula
AMP non-polymer 'ADENOSINE MONOPHOSPHATE' 'C10 H14 N5 O7 P'
OXD non-polymer 'OXALIC ACID' 'C2 H2 O4'
#
# COMPACT_ATOMS: atom_id res chain seq x y z
N MET A 1 -16.56 10.42 -15.84
CA MET A 1 -15.24 10.50 -15.20
C MET A 1 -14.13 11.12 -16.06
N ASP A 2 -14.24 11.04 -17.40
CA ASP A 2 -13.24 11.66 -18.29
C ASP A 2 -13.10 13.16 -18.02
N SER A 3 -11.93 13.71 -18.33
CA SER A 3 -11.65 15.16 -18.26
C SER A 3 -10.62 15.51 -19.34
N ASP A 4 -10.51 16.78 -19.69
CA ASP A 4 -9.50 17.21 -20.64
C ASP A 4 -8.25 17.79 -19.94
N THR A 5 -8.16 17.61 -18.62
CA THR A 5 -6.86 17.82 -17.95
C THR A 5 -6.56 16.55 -17.13
N LEU A 6 -5.29 16.22 -16.98
CA LEU A 6 -4.94 15.03 -16.20
C LEU A 6 -5.30 15.24 -14.73
N SER A 7 -5.01 16.43 -14.20
CA SER A 7 -5.36 16.69 -12.80
C SER A 7 -6.87 16.53 -12.57
N GLY A 8 -7.68 17.06 -13.48
CA GLY A 8 -9.12 16.86 -13.33
C GLY A 8 -9.60 15.41 -13.39
N LEU A 9 -8.99 14.65 -14.31
CA LEU A 9 -9.32 13.26 -14.43
C LEU A 9 -8.99 12.54 -13.10
N LEU A 10 -7.81 12.81 -12.57
CA LEU A 10 -7.37 12.15 -11.33
C LEU A 10 -8.23 12.54 -10.12
N GLU A 11 -8.70 13.78 -10.09
CA GLU A 11 -9.63 14.20 -9.04
C GLU A 11 -10.93 13.36 -9.12
N ASN A 12 -11.44 13.20 -10.35
CA ASN A 12 -12.65 12.37 -10.54
C ASN A 12 -12.42 10.93 -10.07
N VAL A 13 -11.25 10.37 -10.43
CA VAL A 13 -10.90 9.01 -10.03
C VAL A 13 -10.86 8.87 -8.50
N ALA A 14 -10.18 9.80 -7.83
CA ALA A 14 -10.10 9.76 -6.36
C ALA A 14 -11.49 9.83 -5.73
N LYS A 15 -12.37 10.70 -6.27
CA LYS A 15 -13.74 10.77 -5.70
C LYS A 15 -14.56 9.48 -5.93
N LYS A 16 -14.37 8.85 -7.09
CA LYS A 16 -15.13 7.64 -7.37
C LYS A 16 -14.55 6.40 -6.68
N PHE A 17 -13.21 6.30 -6.56
CA PHE A 17 -12.56 5.08 -6.02
C PHE A 17 -11.60 5.40 -4.86
N PRO A 18 -12.10 6.12 -3.84
CA PRO A 18 -11.16 6.67 -2.88
C PRO A 18 -10.38 5.59 -2.13
N ASP A 19 -11.02 4.44 -1.89
CA ASP A 19 -10.34 3.38 -1.13
C ASP A 19 -9.68 2.27 -1.95
N ARG A 20 -9.76 2.33 -3.26
CA ARG A 20 -9.00 1.40 -4.10
C ARG A 20 -7.52 1.72 -3.99
N ARG A 21 -6.69 0.70 -4.13
CA ARG A 21 -5.24 0.92 -4.10
C ARG A 21 -4.78 1.69 -5.34
N ALA A 22 -3.88 2.67 -5.15
CA ALA A 22 -3.33 3.47 -6.25
C ALA A 22 -1.85 3.15 -6.45
N LEU A 23 -1.07 3.22 -5.38
CA LEU A 23 0.37 3.18 -5.52
C LEU A 23 1.05 2.43 -4.35
N SER A 24 1.76 1.36 -4.67
CA SER A 24 2.50 0.58 -3.70
C SER A 24 3.99 0.69 -4.00
N VAL A 25 4.81 0.62 -2.95
CA VAL A 25 6.24 0.36 -3.07
C VAL A 25 6.41 -1.00 -2.45
N SER A 26 6.96 -1.95 -3.21
CA SER A 26 7.01 -3.34 -2.79
C SER A 26 7.61 -3.46 -1.38
N GLY A 27 6.89 -4.15 -0.51
CA GLY A 27 7.32 -4.42 0.86
C GLY A 27 7.09 -3.25 1.81
N LYS A 28 6.58 -2.14 1.30
CA LYS A 28 6.61 -0.93 2.12
C LYS A 28 5.33 -0.09 2.13
N PHE A 29 5.03 0.60 1.02
CA PHE A 29 3.88 1.52 1.02
C PHE A 29 2.70 0.95 0.27
N ASN A 30 1.48 1.31 0.68
CA ASN A 30 0.27 0.97 -0.08
C ASN A 30 -0.72 2.14 0.02
N LEU A 31 -0.62 3.08 -0.91
CA LEU A 31 -1.45 4.27 -0.87
C LEU A 31 -2.76 4.04 -1.65
N THR A 32 -3.89 4.49 -1.11
CA THR A 32 -5.17 4.46 -1.85
C THR A 32 -5.24 5.70 -2.74
N HIS A 33 -6.23 5.73 -3.61
CA HIS A 33 -6.42 6.91 -4.48
C HIS A 33 -6.73 8.17 -3.70
N ALA A 34 -7.59 8.11 -2.66
CA ALA A 34 -7.82 9.31 -1.83
C ALA A 34 -6.57 9.80 -1.13
N ARG A 35 -5.83 8.86 -0.54
CA ARG A 35 -4.63 9.23 0.18
C ARG A 35 -3.59 9.86 -0.75
N LEU A 36 -3.37 9.23 -1.89
CA LEU A 36 -2.44 9.73 -2.87
C LEU A 36 -2.89 11.12 -3.35
N HIS A 37 -4.19 11.24 -3.66
CA HIS A 37 -4.76 12.52 -4.08
C HIS A 37 -4.44 13.64 -3.07
N ASP A 38 -4.69 13.38 -1.80
CA ASP A 38 -4.47 14.41 -0.77
C ASP A 38 -3.00 14.72 -0.54
N LEU A 39 -2.15 13.68 -0.62
CA LEU A 39 -0.69 13.93 -0.51
C LEU A 39 -0.25 14.87 -1.64
N ILE A 40 -0.80 14.63 -2.83
CA ILE A 40 -0.50 15.51 -3.96
C ILE A 40 -1.02 16.93 -3.72
N GLU A 41 -2.27 17.06 -3.27
CA GLU A 41 -2.85 18.39 -3.03
C GLU A 41 -1.98 19.18 -2.06
N ARG A 42 -1.60 18.53 -0.97
CA ARG A 42 -0.87 19.25 0.08
C ARG A 42 0.52 19.62 -0.39
N ALA A 43 1.15 18.71 -1.11
CA ALA A 43 2.48 19.01 -1.68
C ALA A 43 2.40 20.17 -2.70
N ALA A 44 1.37 20.18 -3.55
CA ALA A 44 1.20 21.27 -4.52
C ALA A 44 1.00 22.60 -3.76
N SER A 45 0.19 22.56 -2.70
CA SER A 45 -0.02 23.77 -1.90
CA SER A 45 0.00 23.76 -1.87
C SER A 45 1.31 24.31 -1.33
N ARG A 46 2.15 23.40 -0.82
CA ARG A 46 3.47 23.82 -0.35
C ARG A 46 4.34 24.40 -1.49
N LEU A 47 4.29 23.78 -2.67
CA LEU A 47 5.04 24.32 -3.81
C LEU A 47 4.62 25.76 -4.11
N VAL A 48 3.31 26.01 -4.17
CA VAL A 48 2.83 27.36 -4.46
C VAL A 48 3.14 28.35 -3.31
N SER A 49 2.86 27.99 -2.06
CA SER A 49 2.93 28.94 -0.95
CA SER A 49 2.93 28.95 -0.96
C SER A 49 4.35 29.12 -0.39
N ASP A 50 5.13 28.05 -0.41
CA ASP A 50 6.45 28.08 0.22
C ASP A 50 7.65 28.03 -0.73
N ALA A 51 7.48 27.44 -1.90
CA ALA A 51 8.58 27.37 -2.87
C ALA A 51 8.34 28.34 -4.03
N GLY A 52 7.27 29.14 -3.93
CA GLY A 52 7.04 30.21 -4.89
C GLY A 52 6.76 29.77 -6.32
N ILE A 53 6.22 28.58 -6.48
CA ILE A 53 5.93 28.08 -7.83
C ILE A 53 4.68 28.76 -8.40
N LYS A 54 4.86 29.38 -9.57
CA LYS A 54 3.84 30.10 -10.30
C LYS A 54 3.42 29.33 -11.55
N PRO A 55 2.21 29.60 -12.07
CA PRO A 55 1.76 28.91 -13.29
C PRO A 55 2.74 29.11 -14.43
N GLY A 56 3.14 28.03 -15.09
CA GLY A 56 4.08 28.13 -16.20
C GLY A 56 5.53 27.90 -15.81
N ASP A 57 5.83 27.96 -14.51
CA ASP A 57 7.16 27.60 -14.04
C ASP A 57 7.50 26.15 -14.38
N VAL A 58 8.79 25.90 -14.66
CA VAL A 58 9.30 24.55 -14.89
C VAL A 58 10.02 24.05 -13.63
N VAL A 59 9.65 22.85 -13.18
CA VAL A 59 10.30 22.20 -12.04
C VAL A 59 10.97 20.91 -12.52
N ALA A 60 12.27 20.81 -12.32
CA ALA A 60 13.01 19.59 -12.68
C ALA A 60 12.90 18.55 -11.59
N LEU A 61 12.81 17.28 -11.95
CA LEU A 61 12.77 16.21 -10.94
C LEU A 61 13.83 15.17 -11.27
N THR A 62 14.61 14.73 -10.30
CA THR A 62 15.46 13.58 -10.61
C THR A 62 15.39 12.64 -9.41
N PHE A 63 14.79 11.48 -9.66
CA PHE A 63 14.50 10.44 -8.66
C PHE A 63 14.68 9.07 -9.31
N PRO A 64 14.96 8.04 -8.52
CA PRO A 64 14.66 6.68 -9.01
C PRO A 64 13.11 6.53 -9.09
N ASN A 65 12.63 5.33 -9.44
CA ASN A 65 11.19 5.10 -9.52
C ASN A 65 10.59 4.93 -8.14
N THR A 66 10.30 6.06 -7.50
CA THR A 66 9.86 6.06 -6.11
C THR A 66 8.53 6.73 -5.85
N VAL A 67 7.99 6.51 -4.65
CA VAL A 67 6.70 7.09 -4.30
C VAL A 67 6.80 8.62 -4.31
N GLU A 68 7.96 9.14 -3.91
CA GLU A 68 8.14 10.59 -3.87
C GLU A 68 8.14 11.16 -5.26
N PHE A 69 8.75 10.45 -6.21
CA PHE A 69 8.71 10.93 -7.58
C PHE A 69 7.24 11.04 -8.06
N VAL A 70 6.44 10.02 -7.79
CA VAL A 70 5.07 10.03 -8.27
C VAL A 70 4.32 11.21 -7.65
N ILE A 71 4.45 11.33 -6.32
CA ILE A 71 3.71 12.39 -5.64
C ILE A 71 4.15 13.74 -6.15
N MET A 72 5.46 13.95 -6.25
CA MET A 72 5.93 15.28 -6.63
C MET A 72 5.68 15.62 -8.11
N PHE A 73 5.76 14.62 -8.97
CA PHE A 73 5.42 14.81 -10.38
C PHE A 73 3.99 15.38 -10.50
N LEU A 74 3.07 14.68 -9.80
CA LEU A 74 1.68 15.09 -9.89
C LEU A 74 1.43 16.42 -9.13
N ALA A 75 2.20 16.66 -8.07
CA ALA A 75 2.06 17.94 -7.34
C ALA A 75 2.50 19.13 -8.21
N VAL A 76 3.60 18.94 -8.93
CA VAL A 76 4.08 19.96 -9.87
C VAL A 76 3.01 20.22 -10.91
N ILE A 77 2.48 19.18 -11.58
CA ILE A 77 1.49 19.60 -12.61
C ILE A 77 0.20 20.18 -12.00
N ARG A 78 -0.20 19.71 -10.83
CA ARG A 78 -1.38 20.26 -10.11
C ARG A 78 -1.20 21.75 -9.78
N ALA A 79 0.04 22.15 -9.45
CA ALA A 79 0.35 23.57 -9.16
C ALA A 79 0.42 24.45 -10.43
N ARG A 80 0.00 23.89 -11.58
CA ARG A 80 0.02 24.55 -12.89
C ARG A 80 1.45 24.77 -13.42
N ALA A 81 2.39 23.99 -12.88
CA ALA A 81 3.75 24.07 -13.33
C ALA A 81 4.04 22.91 -14.27
N THR A 82 5.18 22.98 -14.95
CA THR A 82 5.61 21.96 -15.91
C THR A 82 6.67 21.04 -15.28
N ALA A 83 6.42 19.72 -15.25
CA ALA A 83 7.44 18.78 -14.69
C ALA A 83 8.48 18.42 -15.76
N ALA A 84 9.77 18.53 -15.41
CA ALA A 84 10.86 18.12 -16.28
C ALA A 84 11.65 16.99 -15.59
N PRO A 85 11.19 15.75 -15.75
CA PRO A 85 11.91 14.62 -15.13
C PRO A 85 13.24 14.38 -15.87
N LEU A 86 14.30 14.10 -15.11
CA LEU A 86 15.63 13.94 -15.69
C LEU A 86 16.29 12.66 -15.15
N ASN A 87 17.02 11.98 -16.02
CA ASN A 87 17.77 10.78 -15.69
C ASN A 87 18.73 11.00 -14.51
N ALA A 88 18.58 10.26 -13.42
CA ALA A 88 19.46 10.41 -12.26
C ALA A 88 20.93 10.12 -12.61
N ALA A 89 21.16 9.45 -13.73
CA ALA A 89 22.52 9.02 -14.06
C ALA A 89 23.32 10.10 -14.79
N TYR A 90 22.70 11.24 -15.09
CA TYR A 90 23.38 12.30 -15.80
C TYR A 90 24.62 12.82 -15.04
N THR A 91 25.62 13.29 -15.79
CA THR A 91 26.76 13.99 -15.20
C THR A 91 26.35 15.40 -14.80
N ALA A 92 27.18 16.08 -14.00
CA ALA A 92 26.91 17.46 -13.65
C ALA A 92 26.80 18.32 -14.91
N GLU A 93 27.61 18.00 -15.92
CA GLU A 93 27.59 18.78 -17.17
C GLU A 93 26.25 18.62 -17.91
N GLU A 94 25.80 17.36 -17.99
CA GLU A 94 24.54 17.05 -18.66
C GLU A 94 23.39 17.68 -17.85
N PHE A 95 23.41 17.53 -16.54
CA PHE A 95 22.37 18.16 -15.72
C PHE A 95 22.34 19.66 -15.96
N GLU A 96 23.51 20.28 -16.09
CA GLU A 96 23.57 21.72 -16.29
C GLU A 96 22.90 22.09 -17.60
N PHE A 97 23.21 21.29 -18.63
CA PHE A 97 22.60 21.54 -19.92
C PHE A 97 21.08 21.40 -19.88
N TYR A 98 20.59 20.31 -19.29
CA TYR A 98 19.15 20.06 -19.32
C TYR A 98 18.38 21.02 -18.41
N LEU A 99 18.99 21.38 -17.28
CA LEU A 99 18.38 22.34 -16.38
C LEU A 99 18.27 23.69 -17.05
N SER A 100 19.34 24.12 -17.73
CA SER A 100 19.33 25.40 -18.42
CA SER A 100 19.33 25.40 -18.43
C SER A 100 18.33 25.39 -19.58
N ASP A 101 18.37 24.33 -20.38
CA ASP A 101 17.58 24.26 -21.58
C ASP A 101 16.06 24.20 -21.33
N SER A 102 15.67 23.60 -20.20
CA SER A 102 14.27 23.46 -19.82
C SER A 102 13.73 24.71 -19.07
N ASP A 103 14.63 25.65 -18.75
CA ASP A 103 14.32 26.82 -17.91
C ASP A 103 13.81 26.44 -16.53
N SER A 104 14.33 25.34 -15.98
CA SER A 104 13.95 24.92 -14.63
C SER A 104 14.22 26.01 -13.59
N LYS A 105 13.25 26.21 -12.70
CA LYS A 105 13.31 27.24 -11.66
C LYS A 105 13.52 26.57 -10.29
N LEU A 106 13.41 25.24 -10.26
CA LEU A 106 13.51 24.48 -8.99
C LEU A 106 13.95 23.04 -9.33
N LEU A 107 14.78 22.44 -8.48
CA LEU A 107 15.19 21.04 -8.61
C LEU A 107 14.68 20.25 -7.42
N LEU A 108 13.87 19.22 -7.68
CA LEU A 108 13.40 18.31 -6.64
C LEU A 108 14.17 17.01 -6.69
N THR A 109 14.56 16.50 -5.52
CA THR A 109 15.16 15.18 -5.37
C THR A 109 14.67 14.50 -4.09
N SER A 110 15.10 13.24 -3.88
CA SER A 110 14.89 12.62 -2.59
C SER A 110 15.74 13.31 -1.54
N LYS A 111 15.46 12.98 -0.27
CA LYS A 111 16.31 13.35 0.85
C LYS A 111 17.79 12.96 0.63
N GLU A 112 18.02 11.77 0.07
CA GLU A 112 19.42 11.30 -0.13
C GLU A 112 20.09 12.20 -1.17
N GLY A 113 19.31 12.69 -2.12
CA GLY A 113 19.83 13.63 -3.10
C GLY A 113 20.52 13.02 -4.31
N ASN A 114 21.15 13.89 -5.08
CA ASN A 114 21.83 13.53 -6.29
C ASN A 114 22.97 14.53 -6.49
N ALA A 115 24.20 14.12 -6.25
CA ALA A 115 25.31 15.09 -6.22
C ALA A 115 25.54 15.82 -7.56
N PRO A 116 25.56 15.11 -8.72
CA PRO A 116 25.71 15.87 -9.95
C PRO A 116 24.57 16.88 -10.21
N ALA A 117 23.32 16.50 -9.94
CA ALA A 117 22.18 17.39 -10.19
C ALA A 117 22.27 18.60 -9.30
N GLN A 118 22.60 18.38 -8.03
CA GLN A 118 22.76 19.47 -7.07
C GLN A 118 23.93 20.39 -7.39
N GLU A 119 25.02 19.83 -7.89
CA GLU A 119 26.17 20.62 -8.34
C GLU A 119 25.75 21.54 -9.50
N ALA A 120 25.07 20.96 -10.49
CA ALA A 120 24.57 21.74 -11.62
C ALA A 120 23.60 22.85 -11.16
N ALA A 121 22.68 22.51 -10.26
CA ALA A 121 21.67 23.47 -9.80
C ALA A 121 22.34 24.63 -9.05
N SER A 122 23.23 24.30 -8.12
CA SER A 122 24.03 25.32 -7.43
C SER A 122 24.75 26.25 -8.39
N LYS A 123 25.39 25.68 -9.40
CA LYS A 123 26.11 26.53 -10.34
C LYS A 123 25.13 27.50 -11.05
N LEU A 124 23.94 27.02 -11.36
CA LEU A 124 22.96 27.84 -12.07
C LEU A 124 22.08 28.65 -11.14
N LYS A 125 22.35 28.56 -9.84
CA LYS A 125 21.56 29.26 -8.81
C LYS A 125 20.09 28.86 -8.87
N ILE A 126 19.82 27.58 -9.14
CA ILE A 126 18.46 27.06 -9.09
C ILE A 126 18.22 26.42 -7.72
N SER A 127 17.15 26.80 -7.00
CA SER A 127 16.89 26.20 -5.67
C SER A 127 16.77 24.68 -5.72
N HIS A 128 17.19 24.02 -4.65
CA HIS A 128 17.09 22.56 -4.53
C HIS A 128 16.25 22.25 -3.29
N VAL A 129 15.23 21.41 -3.48
CA VAL A 129 14.32 21.04 -2.38
C VAL A 129 14.17 19.52 -2.39
N THR A 130 14.20 18.91 -1.22
CA THR A 130 14.08 17.47 -1.14
C THR A 130 12.66 17.08 -0.72
N ALA A 131 12.29 15.86 -1.06
CA ALA A 131 10.97 15.30 -0.81
C ALA A 131 11.07 13.93 -0.18
N THR A 132 10.35 13.74 0.93
CA THR A 132 10.39 12.47 1.65
C THR A 132 9.03 12.06 2.20
N LEU A 133 8.59 10.86 1.89
CA LEU A 133 7.37 10.34 2.46
C LEU A 133 7.73 9.43 3.65
N LEU A 134 7.22 9.80 4.81
CA LEU A 134 7.58 9.06 6.04
C LEU A 134 6.59 7.94 6.31
N ASP A 135 5.45 8.28 6.90
CA ASP A 135 4.46 7.27 7.25
C ASP A 135 3.07 7.75 6.87
N ALA A 136 2.06 6.93 7.11
CA ALA A 136 0.70 7.20 6.62
C ALA A 136 -0.07 8.25 7.43
N GLY A 137 0.55 8.78 8.47
CA GLY A 137 -0.09 9.82 9.25
C GLY A 137 0.47 11.17 8.90
N SER A 138 1.47 11.21 8.03
CA SER A 138 2.13 12.50 7.81
C SER A 138 2.11 12.91 6.35
N ASP A 139 2.04 14.22 6.10
CA ASP A 139 2.19 14.73 4.74
C ASP A 139 3.60 14.42 4.22
N LEU A 140 3.79 14.50 2.92
CA LEU A 140 5.12 14.38 2.36
C LEU A 140 5.95 15.55 2.91
N VAL A 141 7.18 15.28 3.31
CA VAL A 141 8.02 16.33 3.88
C VAL A 141 8.90 16.99 2.82
N LEU A 142 8.74 18.30 2.67
CA LEU A 142 9.58 19.08 1.77
C LEU A 142 10.56 19.93 2.58
N SER A 143 11.79 20.04 2.11
CA SER A 143 12.84 20.78 2.82
C SER A 143 12.72 22.30 2.67
N VAL A 144 11.56 22.78 2.29
CA VAL A 144 11.38 24.23 2.20
C VAL A 144 10.64 24.69 3.45
N ALA A 145 11.01 25.86 3.96
CA ALA A 145 10.42 26.37 5.20
C ALA A 145 8.94 26.66 5.06
N ASP A 146 8.21 26.61 6.16
CA ASP A 146 6.83 27.08 6.19
C ASP A 146 6.81 28.59 6.42
N ALA A 154 -3.70 25.32 -2.58
CA ALA A 154 -3.94 24.57 -3.81
C ALA A 154 -5.41 24.50 -4.22
N THR A 155 -6.32 24.57 -3.26
CA THR A 155 -7.72 24.21 -3.47
C THR A 155 -8.39 24.90 -4.68
N GLU A 156 -8.14 26.21 -4.84
CA GLU A 156 -8.71 26.95 -5.96
C GLU A 156 -7.67 27.23 -7.08
N LEU A 157 -6.62 26.42 -7.09
CA LEU A 157 -5.84 26.24 -8.30
C LEU A 157 -6.77 25.66 -9.32
N VAL A 158 -6.82 26.26 -10.51
CA VAL A 158 -7.57 25.68 -11.61
C VAL A 158 -6.61 25.22 -12.70
N ASN A 159 -6.66 23.96 -13.05
CA ASN A 159 -5.80 23.48 -14.14
C ASN A 159 -6.44 23.68 -15.51
N HIS A 160 -5.72 24.39 -16.37
CA HIS A 160 -6.17 24.67 -17.73
C HIS A 160 -5.60 23.61 -18.68
N PRO A 161 -6.42 23.16 -19.64
CA PRO A 161 -5.94 22.16 -20.60
C PRO A 161 -4.69 22.63 -21.31
N ASP A 162 -4.57 23.93 -21.59
CA ASP A 162 -3.38 24.36 -22.31
C ASP A 162 -2.20 24.70 -21.40
N ASP A 163 -2.34 24.51 -20.08
CA ASP A 163 -1.18 24.64 -19.19
C ASP A 163 -0.09 23.63 -19.57
N GLY A 164 1.15 24.05 -19.61
CA GLY A 164 2.24 23.08 -19.73
C GLY A 164 2.18 22.15 -18.51
N ALA A 165 2.55 20.88 -18.71
CA ALA A 165 2.56 19.90 -17.62
C ALA A 165 3.82 19.02 -17.62
N LEU A 166 4.40 18.76 -18.80
CA LEU A 166 5.50 17.81 -18.95
C LEU A 166 6.44 18.31 -20.01
N PHE A 167 7.74 18.30 -19.71
CA PHE A 167 8.76 18.71 -20.65
C PHE A 167 9.82 17.64 -20.73
N LEU A 168 10.09 17.14 -21.94
CA LEU A 168 11.04 16.05 -22.18
C LEU A 168 11.90 16.42 -23.37
N HIS A 169 12.97 15.65 -23.63
CA HIS A 169 13.74 15.93 -24.86
C HIS A 169 13.78 14.66 -25.68
N THR A 170 13.93 14.82 -26.99
CA THR A 170 13.99 13.68 -27.91
C THR A 170 15.37 12.97 -27.82
N SER A 171 15.40 11.72 -28.28
CA SER A 171 16.54 10.80 -28.15
C SER A 171 17.80 11.10 -28.95
N GLY A 172 17.66 11.74 -30.10
CA GLY A 172 18.81 12.04 -30.93
C GLY A 172 19.33 10.84 -31.71
N THR A 173 18.48 9.84 -31.94
CA THR A 173 18.90 8.64 -32.67
C THR A 173 19.27 8.94 -34.12
N THR A 174 18.41 9.68 -34.81
CA THR A 174 18.63 10.06 -36.20
C THR A 174 18.71 11.58 -36.41
N SER A 175 18.30 12.36 -35.40
CA SER A 175 18.38 13.81 -35.48
C SER A 175 19.01 14.45 -34.23
N ARG A 176 18.84 15.77 -34.14
CA ARG A 176 19.27 16.57 -32.98
C ARG A 176 18.26 16.43 -31.84
N PRO A 177 18.75 16.28 -30.59
CA PRO A 177 17.84 16.27 -29.42
C PRO A 177 17.06 17.58 -29.28
N LYS A 178 15.74 17.48 -29.33
CA LYS A 178 14.86 18.66 -29.25
C LYS A 178 13.97 18.62 -28.01
N GLY A 179 13.63 19.80 -27.48
CA GLY A 179 12.74 19.90 -26.33
C GLY A 179 11.27 19.80 -26.74
N VAL A 180 10.54 18.97 -26.02
CA VAL A 180 9.14 18.69 -26.28
C VAL A 180 8.27 19.12 -25.09
N PRO A 181 7.53 20.24 -25.23
CA PRO A 181 6.60 20.69 -24.19
C PRO A 181 5.24 20.01 -24.38
N LEU A 182 4.73 19.41 -23.31
CA LEU A 182 3.42 18.72 -23.36
C LEU A 182 2.49 19.30 -22.31
N THR A 183 1.22 19.41 -22.66
CA THR A 183 0.23 20.12 -21.85
C THR A 183 -0.59 19.14 -20.98
N GLN A 184 -1.40 19.70 -20.09
CA GLN A 184 -2.41 18.93 -19.35
C GLN A 184 -3.30 18.20 -20.33
N LEU A 185 -3.66 18.88 -21.43
CA LEU A 185 -4.51 18.29 -22.44
C LEU A 185 -3.83 17.13 -23.17
N ASN A 186 -2.55 17.29 -23.52
CA ASN A 186 -1.79 16.18 -24.11
C ASN A 186 -1.86 14.93 -23.20
N LEU A 187 -1.54 15.15 -21.92
CA LEU A 187 -1.53 14.05 -20.94
C LEU A 187 -2.91 13.40 -20.79
N ALA A 188 -3.95 14.22 -20.63
CA ALA A 188 -5.31 13.71 -20.44
C ALA A 188 -5.75 12.86 -21.65
N SER A 189 -5.48 13.39 -22.84
CA SER A 189 -5.78 12.67 -24.07
C SER A 189 -5.06 11.32 -24.12
N SER A 190 -3.74 11.30 -23.85
CA SER A 190 -3.04 10.00 -23.99
C SER A 190 -3.49 9.00 -22.94
N VAL A 191 -3.74 9.49 -21.72
CA VAL A 191 -4.24 8.60 -20.65
C VAL A 191 -5.62 8.01 -21.05
N LYS A 192 -6.50 8.84 -21.60
CA LYS A 192 -7.77 8.33 -22.09
C LYS A 192 -7.59 7.29 -23.20
N ASN A 193 -6.69 7.56 -24.15
CA ASN A 193 -6.44 6.63 -25.25
C ASN A 193 -5.94 5.26 -24.75
N ILE A 194 -4.97 5.32 -23.85
CA ILE A 194 -4.33 4.12 -23.32
C ILE A 194 -5.32 3.33 -22.50
N LYS A 195 -6.05 4.01 -21.62
CA LYS A 195 -7.13 3.36 -20.86
C LYS A 195 -8.16 2.69 -21.77
N ALA A 196 -8.55 3.40 -22.82
CA ALA A 196 -9.57 2.89 -23.72
C ALA A 196 -9.14 1.64 -24.47
N VAL A 197 -7.98 1.70 -25.12
CA VAL A 197 -7.64 0.59 -26.00
C VAL A 197 -7.33 -0.70 -25.16
N TYR A 198 -6.85 -0.57 -23.93
CA TYR A 198 -6.62 -1.79 -23.14
C TYR A 198 -7.76 -2.07 -22.12
N LYS A 199 -8.81 -1.25 -22.17
CA LYS A 199 -9.93 -1.34 -21.20
C LYS A 199 -9.41 -1.44 -19.78
N LEU A 200 -8.50 -0.53 -19.41
CA LEU A 200 -8.01 -0.47 -18.02
C LEU A 200 -9.18 -0.07 -17.12
N THR A 201 -9.35 -0.79 -16.02
CA THR A 201 -10.35 -0.47 -15.02
C THR A 201 -9.73 -0.50 -13.63
N GLU A 202 -10.55 -0.19 -12.63
CA GLU A 202 -10.08 -0.08 -11.26
C GLU A 202 -9.62 -1.46 -10.67
N SER A 203 -9.90 -2.56 -11.36
CA SER A 203 -9.41 -3.87 -10.90
CA SER A 203 -9.40 -3.86 -10.91
C SER A 203 -8.01 -4.19 -11.44
N ASP A 204 -7.51 -3.37 -12.36
CA ASP A 204 -6.18 -3.67 -12.93
C ASP A 204 -5.02 -3.27 -12.01
N SER A 205 -3.86 -3.87 -12.25
CA SER A 205 -2.73 -3.74 -11.38
C SER A 205 -1.49 -4.00 -12.20
N THR A 206 -0.43 -3.22 -11.99
CA THR A 206 0.82 -3.48 -12.71
C THR A 206 2.03 -3.14 -11.89
N VAL A 207 3.19 -3.67 -12.33
CA VAL A 207 4.48 -3.33 -11.73
C VAL A 207 5.29 -2.53 -12.76
N ILE A 208 5.85 -1.39 -12.36
CA ILE A 208 6.63 -0.55 -13.25
C ILE A 208 8.02 -1.16 -13.47
N VAL A 209 8.40 -1.42 -14.73
CA VAL A 209 9.71 -2.00 -15.02
C VAL A 209 10.51 -1.11 -15.98
N LEU A 210 10.09 0.14 -16.13
CA LEU A 210 10.76 1.09 -17.03
C LEU A 210 11.02 2.42 -16.32
N PRO A 211 12.03 3.19 -16.76
CA PRO A 211 12.25 4.48 -16.09
C PRO A 211 11.05 5.43 -16.21
N LEU A 212 10.67 6.08 -15.12
CA LEU A 212 9.54 7.02 -15.18
C LEU A 212 9.93 8.40 -15.74
N PHE A 213 11.19 8.60 -16.16
CA PHE A 213 11.55 9.86 -16.81
C PHE A 213 11.47 9.74 -18.36
N HIS A 214 10.94 8.61 -18.86
CA HIS A 214 10.62 8.50 -20.28
C HIS A 214 9.14 8.21 -20.42
N VAL A 215 8.53 8.58 -21.56
CA VAL A 215 7.05 8.57 -21.60
C VAL A 215 6.41 7.20 -21.57
N HIS A 216 7.11 6.16 -21.98
CA HIS A 216 6.46 4.83 -22.00
C HIS A 216 6.08 4.44 -20.55
N GLY A 217 7.06 4.35 -19.65
CA GLY A 217 6.78 3.99 -18.28
C GLY A 217 5.87 5.02 -17.63
N LEU A 218 6.14 6.30 -17.90
CA LEU A 218 5.38 7.38 -17.25
C LEU A 218 3.89 7.42 -17.67
N LEU A 219 3.61 7.49 -18.98
CA LEU A 219 2.24 7.61 -19.48
C LEU A 219 1.45 6.29 -19.37
N ALA A 220 2.02 5.18 -19.85
CA ALA A 220 1.27 3.91 -19.88
C ALA A 220 1.27 3.21 -18.53
N GLY A 221 2.46 2.95 -17.98
CA GLY A 221 2.53 2.21 -16.72
C GLY A 221 1.91 2.94 -15.54
N LEU A 222 2.31 4.20 -15.37
CA LEU A 222 1.92 4.98 -14.21
C LEU A 222 0.62 5.77 -14.42
N LEU A 223 0.68 6.77 -15.30
CA LEU A 223 -0.44 7.73 -15.34
C LEU A 223 -1.75 7.11 -15.86
N SER A 224 -1.68 6.23 -16.86
CA SER A 224 -2.94 5.65 -17.37
C SER A 224 -3.54 4.69 -16.35
N SER A 225 -2.68 3.97 -15.62
CA SER A 225 -3.21 3.17 -14.50
C SER A 225 -3.95 4.05 -13.50
N LEU A 226 -3.30 5.12 -13.05
CA LEU A 226 -3.95 5.97 -12.05
C LEU A 226 -5.26 6.59 -12.60
N GLY A 227 -5.22 6.93 -13.87
CA GLY A 227 -6.38 7.52 -14.51
C GLY A 227 -7.53 6.53 -14.66
N ALA A 228 -7.24 5.23 -14.52
CA ALA A 228 -8.35 4.23 -14.50
C ALA A 228 -8.85 3.84 -13.09
N GLY A 229 -8.24 4.39 -12.04
CA GLY A 229 -8.54 3.96 -10.68
C GLY A 229 -7.85 2.63 -10.40
N ALA A 230 -6.94 2.25 -11.30
CA ALA A 230 -6.13 1.03 -11.15
C ALA A 230 -4.94 1.21 -10.16
N ALA A 231 -4.17 0.14 -9.95
CA ALA A 231 -3.04 0.17 -9.02
C ALA A 231 -1.68 0.00 -9.76
N VAL A 232 -0.67 0.65 -9.20
CA VAL A 232 0.70 0.65 -9.70
C VAL A 232 1.64 0.20 -8.58
N THR A 233 2.55 -0.72 -8.86
CA THR A 233 3.55 -1.08 -7.85
C THR A 233 4.93 -0.71 -8.34
N LEU A 234 5.72 -0.05 -7.49
CA LEU A 234 7.12 0.25 -7.81
C LEU A 234 7.98 -0.79 -7.11
N PRO A 235 8.96 -1.36 -7.82
CA PRO A 235 9.95 -2.25 -7.18
C PRO A 235 10.66 -1.57 -5.99
N ALA A 236 10.95 -2.38 -4.97
CA ALA A 236 11.53 -1.86 -3.74
C ALA A 236 12.81 -1.06 -3.96
N ALA A 237 13.57 -1.44 -4.99
CA ALA A 237 14.87 -0.84 -5.23
C ALA A 237 14.85 0.28 -6.30
N GLY A 238 13.66 0.70 -6.74
CA GLY A 238 13.54 1.92 -7.54
C GLY A 238 13.90 1.77 -9.01
N ARG A 239 13.99 0.52 -9.44
CA ARG A 239 14.29 0.19 -10.84
C ARG A 239 13.89 -1.26 -11.12
N PHE A 240 13.80 -1.61 -12.38
CA PHE A 240 13.49 -2.99 -12.74
C PHE A 240 14.52 -3.97 -12.15
N SER A 241 14.01 -5.06 -11.59
CA SER A 241 14.84 -6.19 -11.19
C SER A 241 14.26 -7.49 -11.78
N ALA A 242 15.05 -8.26 -12.52
CA ALA A 242 14.46 -9.48 -13.11
C ALA A 242 14.11 -10.49 -12.01
N THR A 243 14.82 -10.44 -10.90
CA THR A 243 14.59 -11.42 -9.84
C THR A 243 13.37 -11.08 -8.97
N THR A 244 13.08 -9.80 -8.73
CA THR A 244 11.89 -9.48 -7.93
C THR A 244 10.61 -9.29 -8.77
N PHE A 245 10.77 -9.25 -10.09
CA PHE A 245 9.63 -8.91 -10.97
C PHE A 245 8.39 -9.78 -10.72
N TRP A 246 8.54 -11.10 -10.93
CA TRP A 246 7.36 -11.94 -10.78
C TRP A 246 6.87 -12.05 -9.32
N PRO A 247 7.79 -12.07 -8.33
CA PRO A 247 7.25 -12.03 -6.95
C PRO A 247 6.39 -10.78 -6.71
N ASP A 248 6.81 -9.64 -7.27
CA ASP A 248 6.05 -8.41 -7.14
C ASP A 248 4.72 -8.50 -7.91
N MET A 249 4.79 -9.04 -9.13
CA MET A 249 3.57 -9.21 -9.92
C MET A 249 2.56 -10.10 -9.18
N LYS A 250 3.03 -11.17 -8.53
CA LYS A 250 2.10 -12.04 -7.83
C LYS A 250 1.54 -11.38 -6.57
N LYS A 251 2.44 -10.84 -5.75
CA LYS A 251 2.02 -10.33 -4.45
C LYS A 251 1.04 -9.16 -4.57
N TYR A 252 1.19 -8.37 -5.63
CA TYR A 252 0.36 -7.18 -5.78
C TYR A 252 -0.67 -7.39 -6.90
N ASN A 253 -1.00 -8.65 -7.17
CA ASN A 253 -2.18 -9.01 -7.96
C ASN A 253 -2.20 -8.36 -9.36
N ALA A 254 -1.04 -8.31 -9.99
CA ALA A 254 -0.90 -7.65 -11.28
C ALA A 254 -1.79 -8.34 -12.32
N THR A 255 -2.31 -7.54 -13.25
CA THR A 255 -3.16 -8.07 -14.32
C THR A 255 -2.54 -7.79 -15.71
N TRP A 256 -1.48 -6.98 -15.76
CA TRP A 256 -0.80 -6.70 -17.02
C TRP A 256 0.55 -6.08 -16.71
N TYR A 257 1.43 -6.01 -17.71
CA TYR A 257 2.56 -5.09 -17.65
C TYR A 257 2.98 -4.63 -19.05
N THR A 258 3.78 -3.57 -19.07
CA THR A 258 4.25 -3.04 -20.34
C THR A 258 5.78 -2.87 -20.24
N ALA A 259 6.49 -3.21 -21.33
CA ALA A 259 7.93 -3.07 -21.37
C ALA A 259 8.41 -2.88 -22.80
N VAL A 260 9.70 -2.60 -22.93
CA VAL A 260 10.34 -2.52 -24.24
C VAL A 260 10.92 -3.90 -24.58
N PRO A 261 11.10 -4.20 -25.87
CA PRO A 261 11.60 -5.56 -26.21
C PRO A 261 12.88 -5.99 -25.48
N THR A 262 13.84 -5.11 -25.23
CA THR A 262 15.05 -5.55 -24.53
C THR A 262 14.74 -6.02 -23.10
N ILE A 263 13.77 -5.39 -22.45
CA ILE A 263 13.36 -5.82 -21.12
C ILE A 263 12.56 -7.13 -21.18
N HIS A 264 11.65 -7.27 -22.15
CA HIS A 264 10.98 -8.56 -22.34
C HIS A 264 12.00 -9.68 -22.55
N GLN A 265 13.06 -9.40 -23.31
CA GLN A 265 14.12 -10.39 -23.56
C GLN A 265 14.78 -10.76 -22.23
N ILE A 266 15.10 -9.76 -21.40
CA ILE A 266 15.69 -10.10 -20.09
C ILE A 266 14.75 -10.98 -19.21
N ILE A 267 13.47 -10.64 -19.23
CA ILE A 267 12.43 -11.43 -18.54
C ILE A 267 12.34 -12.87 -19.11
N LEU A 268 12.44 -13.02 -20.42
CA LEU A 268 12.46 -14.37 -21.02
C LEU A 268 13.71 -15.15 -20.61
N ASP A 269 14.87 -14.50 -20.60
CA ASP A 269 16.10 -15.16 -20.15
C ASP A 269 15.94 -15.68 -18.71
N ARG A 270 15.33 -14.84 -17.87
CA ARG A 270 15.11 -15.24 -16.47
C ARG A 270 14.15 -16.43 -16.38
N HIS A 271 13.12 -16.43 -17.23
CA HIS A 271 12.19 -17.55 -17.28
C HIS A 271 12.94 -18.83 -17.73
N ALA A 272 13.94 -18.67 -18.59
CA ALA A 272 14.70 -19.86 -19.07
C ALA A 272 15.60 -20.40 -17.96
N SER A 273 16.24 -19.50 -17.22
CA SER A 273 17.20 -19.96 -16.21
C SER A 273 16.55 -20.21 -14.86
N HIS A 274 15.46 -19.50 -14.57
CA HIS A 274 14.79 -19.69 -13.30
C HIS A 274 13.28 -19.53 -13.46
N PRO A 275 12.62 -20.53 -14.07
CA PRO A 275 11.16 -20.52 -14.20
C PRO A 275 10.49 -20.48 -12.86
N GLU A 276 9.47 -19.64 -12.72
CA GLU A 276 8.60 -19.67 -11.55
C GLU A 276 7.78 -20.95 -11.64
N THR A 277 7.45 -21.52 -10.48
CA THR A 277 6.63 -22.72 -10.45
C THR A 277 5.23 -22.40 -10.97
N GLU A 278 4.79 -21.17 -10.74
CA GLU A 278 3.54 -20.70 -11.34
C GLU A 278 3.56 -19.19 -11.65
N TYR A 279 2.90 -18.81 -12.73
CA TYR A 279 2.80 -17.42 -13.10
C TYR A 279 1.38 -16.93 -12.95
N PRO A 280 1.20 -15.65 -12.59
CA PRO A 280 -0.16 -15.12 -12.48
C PRO A 280 -0.78 -15.07 -13.87
N LYS A 281 -2.11 -15.16 -13.97
CA LYS A 281 -2.75 -15.11 -15.28
C LYS A 281 -3.06 -13.66 -15.62
N LEU A 282 -2.35 -13.12 -16.60
CA LEU A 282 -2.49 -11.72 -16.97
C LEU A 282 -3.53 -11.51 -18.07
N ARG A 283 -4.22 -10.37 -18.08
CA ARG A 283 -5.08 -9.99 -19.19
C ARG A 283 -4.31 -9.82 -20.48
N PHE A 284 -3.16 -9.18 -20.40
CA PHE A 284 -2.33 -8.99 -21.58
C PHE A 284 -0.94 -8.56 -21.14
N ILE A 285 0.00 -8.69 -22.06
CA ILE A 285 1.35 -8.19 -21.89
C ILE A 285 1.59 -7.20 -23.02
N ARG A 286 2.15 -6.03 -22.71
CA ARG A 286 2.31 -5.01 -23.75
C ARG A 286 3.77 -4.76 -24.12
N SER A 287 4.02 -4.52 -25.41
CA SER A 287 5.37 -4.13 -25.85
C SER A 287 5.27 -2.82 -26.64
N CYS A 288 6.27 -1.95 -26.53
CA CYS A 288 6.30 -0.66 -27.25
C CYS A 288 7.73 -0.13 -27.26
N SER A 289 7.94 0.90 -28.08
CA SER A 289 9.17 1.76 -28.17
C SER A 289 10.25 1.31 -29.17
N ALA A 290 10.27 0.02 -29.51
CA ALA A 290 11.19 -0.53 -30.52
C ALA A 290 10.52 -1.78 -31.06
N SER A 291 10.93 -2.23 -32.24
CA SER A 291 10.22 -3.33 -32.86
C SER A 291 10.25 -4.61 -32.03
N LEU A 292 9.06 -5.20 -31.81
CA LEU A 292 8.91 -6.54 -31.21
C LEU A 292 9.01 -7.61 -32.28
N ALA A 293 10.11 -8.36 -32.31
CA ALA A 293 10.22 -9.43 -33.32
C ALA A 293 9.11 -10.44 -33.06
N PRO A 294 8.50 -10.97 -34.12
CA PRO A 294 7.46 -11.99 -33.94
C PRO A 294 7.90 -13.16 -33.07
N VAL A 295 9.18 -13.52 -33.15
CA VAL A 295 9.65 -14.69 -32.36
C VAL A 295 9.63 -14.35 -30.85
N ILE A 296 9.92 -13.10 -30.50
CA ILE A 296 9.82 -12.70 -29.09
C ILE A 296 8.35 -12.67 -28.64
N LEU A 297 7.45 -12.18 -29.50
CA LEU A 297 6.02 -12.22 -29.19
C LEU A 297 5.61 -13.68 -28.87
N SER A 298 5.99 -14.61 -29.76
CA SER A 298 5.59 -15.99 -29.55
CA SER A 298 5.67 -16.02 -29.60
C SER A 298 6.21 -16.59 -28.30
N ARG A 299 7.46 -16.25 -28.01
CA ARG A 299 8.12 -16.77 -26.80
C ARG A 299 7.41 -16.24 -25.56
N LEU A 300 7.04 -14.97 -25.58
CA LEU A 300 6.31 -14.40 -24.46
C LEU A 300 4.95 -15.07 -24.25
N GLU A 301 4.19 -15.27 -25.34
CA GLU A 301 2.88 -15.90 -25.21
C GLU A 301 3.02 -17.33 -24.70
N GLU A 302 4.07 -18.03 -25.15
CA GLU A 302 4.30 -19.42 -24.74
C GLU A 302 4.72 -19.51 -23.27
N ALA A 303 5.59 -18.59 -22.85
CA ALA A 303 6.13 -18.58 -21.50
C ALA A 303 5.08 -18.21 -20.48
N PHE A 304 4.29 -17.16 -20.73
CA PHE A 304 3.45 -16.62 -19.66
C PHE A 304 1.95 -16.74 -19.92
N GLY A 305 1.58 -17.27 -21.09
CA GLY A 305 0.21 -17.65 -21.39
C GLY A 305 -0.78 -16.49 -21.53
N ALA A 306 -0.29 -15.30 -21.89
CA ALA A 306 -1.15 -14.13 -22.04
C ALA A 306 -0.92 -13.50 -23.42
N PRO A 307 -1.96 -12.88 -24.01
CA PRO A 307 -1.82 -12.25 -25.33
C PRO A 307 -0.84 -11.08 -25.24
N VAL A 308 0.04 -10.99 -26.22
CA VAL A 308 1.06 -9.94 -26.25
C VAL A 308 0.68 -8.90 -27.30
N LEU A 309 0.40 -7.68 -26.84
CA LEU A 309 -0.11 -6.59 -27.69
C LEU A 309 0.96 -5.55 -27.88
N GLU A 310 1.35 -5.37 -29.14
CA GLU A 310 2.38 -4.39 -29.48
C GLU A 310 1.76 -3.03 -29.82
N ALA A 311 2.39 -1.98 -29.32
CA ALA A 311 2.00 -0.60 -29.62
C ALA A 311 3.16 0.17 -30.21
N TYR A 312 2.83 1.33 -30.78
CA TYR A 312 3.77 2.26 -31.41
C TYR A 312 3.54 3.65 -30.75
N ALA A 313 4.63 4.31 -30.36
CA ALA A 313 4.57 5.50 -29.53
C ALA A 313 5.81 6.39 -29.70
N MET A 314 5.67 7.67 -29.35
CA MET A 314 6.83 8.55 -29.37
C MET A 314 6.57 9.74 -28.45
N THR A 315 7.67 10.40 -28.10
CA THR A 315 7.61 11.51 -27.17
C THR A 315 6.63 12.59 -27.69
N GLU A 316 6.72 12.93 -28.97
CA GLU A 316 5.89 14.00 -29.54
C GLU A 316 4.39 13.71 -29.53
N ALA A 317 4.01 12.44 -29.40
CA ALA A 317 2.61 12.03 -29.35
C ALA A 317 2.12 11.79 -27.92
N THR A 318 2.94 12.23 -26.97
CA THR A 318 2.71 11.92 -25.55
C THR A 318 2.52 10.38 -25.42
N HIS A 319 3.48 9.66 -26.00
CA HIS A 319 3.51 8.19 -26.03
C HIS A 319 2.53 7.67 -27.13
N LEU A 320 1.41 7.05 -26.77
CA LEU A 320 0.67 6.15 -27.67
C LEU A 320 0.21 6.79 -29.01
N MET A 321 0.56 6.13 -30.11
CA MET A 321 -0.04 6.45 -31.40
C MET A 321 -0.97 5.33 -31.86
N SER A 322 -0.43 4.10 -31.92
CA SER A 322 -1.28 3.01 -32.42
C SER A 322 -1.08 1.77 -31.53
N SER A 323 -2.06 0.88 -31.54
CA SER A 323 -1.88 -0.37 -30.83
C SER A 323 -2.66 -1.51 -31.43
N ASN A 324 -2.12 -2.72 -31.31
CA ASN A 324 -2.97 -3.88 -31.45
C ASN A 324 -4.04 -3.85 -30.40
N PRO A 325 -5.24 -4.35 -30.73
CA PRO A 325 -6.37 -4.31 -29.80
C PRO A 325 -6.36 -5.49 -28.83
N LEU A 326 -7.16 -5.54 -27.85
CA LEU A 326 -7.53 -6.69 -27.01
C LEU A 326 -8.11 -7.80 -27.85
N PRO A 327 -7.83 -9.03 -27.56
CA PRO A 327 -8.38 -10.16 -28.31
C PRO A 327 -9.89 -10.08 -28.51
N GLU A 328 -10.60 -9.59 -27.50
CA GLU A 328 -12.07 -9.49 -27.58
C GLU A 328 -12.49 -8.45 -28.61
N GLU A 329 -11.58 -7.58 -29.02
CA GLU A 329 -11.95 -6.56 -30.01
C GLU A 329 -11.40 -6.87 -31.41
N GLY A 330 -10.29 -7.61 -31.50
CA GLY A 330 -9.69 -7.92 -32.81
C GLY A 330 -8.39 -8.68 -32.65
N PRO A 331 -7.84 -9.20 -33.76
CA PRO A 331 -6.58 -9.95 -33.69
C PRO A 331 -5.40 -9.04 -33.36
N HIS A 332 -4.30 -9.62 -32.89
CA HIS A 332 -3.07 -8.85 -32.82
C HIS A 332 -2.10 -9.52 -33.79
N LYS A 333 -1.44 -8.70 -34.59
CA LYS A 333 -0.62 -9.16 -35.70
C LYS A 333 0.87 -9.08 -35.39
N PRO A 334 1.57 -10.22 -35.44
CA PRO A 334 3.04 -10.16 -35.33
C PRO A 334 3.59 -9.27 -36.43
N GLY A 335 4.60 -8.47 -36.11
CA GLY A 335 5.22 -7.56 -37.06
C GLY A 335 4.48 -6.25 -37.28
N SER A 336 3.35 -6.07 -36.60
CA SER A 336 2.49 -4.90 -36.79
C SER A 336 2.25 -4.21 -35.46
N VAL A 337 2.07 -2.89 -35.52
CA VAL A 337 1.81 -2.10 -34.32
C VAL A 337 0.34 -1.65 -34.25
N GLY A 338 -0.51 -2.35 -35.01
CA GLY A 338 -1.95 -2.20 -34.83
C GLY A 338 -2.56 -0.92 -35.40
N LYS A 339 -3.63 -0.47 -34.76
CA LYS A 339 -4.46 0.60 -35.30
C LYS A 339 -4.34 1.90 -34.48
N PRO A 340 -4.54 3.06 -35.12
CA PRO A 340 -4.52 4.36 -34.44
C PRO A 340 -5.52 4.40 -33.30
N VAL A 341 -5.17 5.03 -32.19
CA VAL A 341 -6.08 5.15 -31.06
C VAL A 341 -6.33 6.62 -30.72
N GLY A 342 -7.57 7.06 -30.89
CA GLY A 342 -7.98 8.39 -30.47
C GLY A 342 -7.26 9.52 -31.21
N GLN A 343 -6.67 9.22 -32.37
CA GLN A 343 -6.05 10.26 -33.18
C GLN A 343 -6.03 9.84 -34.64
N GLU A 344 -5.85 10.81 -35.51
CA GLU A 344 -5.73 10.52 -36.93
C GLU A 344 -4.33 10.10 -37.31
N MET A 345 -4.27 9.23 -38.31
CA MET A 345 -2.97 8.77 -38.79
C MET A 345 -3.04 8.51 -40.31
N ALA A 346 -2.02 8.94 -41.03
CA ALA A 346 -2.02 8.81 -42.48
C ALA A 346 -0.61 8.47 -42.96
N ILE A 347 -0.52 7.79 -44.10
CA ILE A 347 0.76 7.46 -44.71
C ILE A 347 0.93 8.38 -45.92
N LEU A 348 1.93 9.26 -45.86
CA LEU A 348 2.11 10.29 -46.91
C LEU A 348 3.38 10.08 -47.74
N ASN A 349 3.31 10.30 -49.07
CA ASN A 349 4.56 10.31 -49.83
C ASN A 349 5.25 11.66 -49.66
N GLU A 350 6.34 11.88 -50.39
CA GLU A 350 7.11 13.09 -50.19
C GLU A 350 6.40 14.34 -50.70
N LYS A 351 5.41 14.18 -51.55
CA LYS A 351 4.61 15.33 -51.99
C LYS A 351 3.37 15.49 -51.11
N GLY A 352 3.31 14.71 -50.02
CA GLY A 352 2.21 14.85 -49.05
C GLY A 352 0.90 14.21 -49.47
N GLU A 353 0.95 13.32 -50.47
CA GLU A 353 -0.23 12.64 -50.95
C GLU A 353 -0.52 11.40 -50.10
N ILE A 354 -1.77 11.20 -49.68
CA ILE A 354 -2.14 10.03 -48.85
C ILE A 354 -1.96 8.75 -49.66
N GLN A 355 -1.34 7.74 -49.04
CA GLN A 355 -1.09 6.49 -49.74
C GLN A 355 -2.21 5.45 -49.56
N GLU A 356 -2.43 4.65 -50.61
CA GLU A 356 -3.38 3.54 -50.54
C GLU A 356 -2.80 2.44 -49.66
N PRO A 357 -3.67 1.54 -49.15
CA PRO A 357 -3.14 0.43 -48.34
C PRO A 357 -2.01 -0.32 -49.02
N ASN A 358 -1.07 -0.80 -48.21
CA ASN A 358 0.09 -1.54 -48.69
C ASN A 358 1.01 -0.72 -49.59
N ASN A 359 0.95 0.60 -49.45
CA ASN A 359 1.94 1.48 -50.05
C ASN A 359 2.70 2.21 -48.95
N LYS A 360 4.04 2.14 -48.98
CA LYS A 360 4.86 2.74 -47.92
C LYS A 360 4.90 4.25 -48.05
N GLY A 361 5.13 4.93 -46.92
CA GLY A 361 5.32 6.38 -46.87
C GLY A 361 5.56 6.78 -45.44
N GLU A 362 5.58 8.08 -45.17
CA GLU A 362 5.85 8.54 -43.82
C GLU A 362 4.58 8.54 -42.99
N VAL A 363 4.65 7.93 -41.81
CA VAL A 363 3.58 7.97 -40.85
C VAL A 363 3.43 9.38 -40.30
N CYS A 364 2.19 9.90 -40.38
CA CYS A 364 1.88 11.26 -39.92
C CYS A 364 0.65 11.21 -39.02
N ILE A 365 0.66 12.01 -37.96
CA ILE A 365 -0.43 11.92 -36.98
C ILE A 365 -1.06 13.27 -36.70
N ARG A 366 -2.31 13.25 -36.22
CA ARG A 366 -2.92 14.49 -35.76
C ARG A 366 -3.91 14.20 -34.63
N GLY A 367 -3.75 14.91 -33.53
CA GLY A 367 -4.69 14.75 -32.43
C GLY A 367 -4.31 15.53 -31.17
N PRO A 368 -5.19 15.53 -30.17
CA PRO A 368 -5.00 16.33 -28.95
C PRO A 368 -3.86 15.80 -28.05
N ASN A 369 -3.34 14.62 -28.37
CA ASN A 369 -2.16 14.07 -27.68
C ASN A 369 -0.83 14.60 -28.23
N VAL A 370 -0.88 15.26 -29.38
CA VAL A 370 0.36 15.66 -30.04
C VAL A 370 0.85 17.01 -29.53
N THR A 371 2.16 17.12 -29.29
CA THR A 371 2.75 18.39 -28.89
C THR A 371 2.34 19.50 -29.88
N LYS A 372 2.21 20.72 -29.38
CA LYS A 372 1.96 21.88 -30.24
C LYS A 372 3.18 22.28 -31.05
N GLY A 373 4.35 21.86 -30.57
CA GLY A 373 5.59 22.19 -31.23
C GLY A 373 6.84 22.11 -30.35
N TYR A 374 7.98 21.88 -30.97
CA TYR A 374 9.26 21.89 -30.24
C TYR A 374 9.52 23.25 -29.62
N LYS A 375 10.25 23.25 -28.51
CA LYS A 375 10.57 24.51 -27.83
C LYS A 375 11.68 25.25 -28.55
N ASN A 376 11.45 26.53 -28.83
CA ASN A 376 12.49 27.39 -29.44
C ASN A 376 13.12 26.73 -30.65
N ASN A 377 12.30 26.28 -31.58
CA ASN A 377 12.86 25.61 -32.73
C ASN A 377 11.93 25.79 -33.90
N PRO A 378 11.84 27.05 -34.37
CA PRO A 378 10.83 27.33 -35.39
C PRO A 378 11.09 26.57 -36.68
N GLU A 379 12.35 26.24 -36.98
CA GLU A 379 12.58 25.50 -38.24
C GLU A 379 12.12 24.02 -38.12
N ALA A 380 12.33 23.39 -36.96
CA ALA A 380 11.91 22.01 -36.77
C ALA A 380 10.38 21.96 -36.81
N ASN A 381 9.74 23.03 -36.33
CA ASN A 381 8.28 23.07 -36.34
C ASN A 381 7.73 23.30 -37.76
N LYS A 382 8.37 24.19 -38.49
CA LYS A 382 7.97 24.36 -39.89
C LYS A 382 8.19 23.05 -40.70
N ALA A 383 9.28 22.33 -40.45
CA ALA A 383 9.56 21.07 -41.16
C ALA A 383 8.65 19.91 -40.73
N GLY A 384 8.30 19.84 -39.45
CA GLY A 384 7.59 18.68 -38.91
C GLY A 384 6.07 18.75 -38.87
N PHE A 385 5.48 19.96 -38.96
CA PHE A 385 4.05 20.12 -38.81
C PHE A 385 3.40 20.78 -40.02
N GLU A 386 2.27 20.22 -40.47
CA GLU A 386 1.54 20.86 -41.56
C GLU A 386 0.04 20.67 -41.42
N PHE A 387 -0.69 21.78 -41.31
CA PHE A 387 -2.16 21.75 -41.13
C PHE A 387 -2.54 20.80 -39.96
N GLY A 388 -1.79 20.90 -38.88
CA GLY A 388 -2.04 20.08 -37.70
C GLY A 388 -1.39 18.72 -37.71
N TRP A 389 -0.92 18.28 -38.88
CA TRP A 389 -0.32 16.94 -38.97
C TRP A 389 1.18 16.91 -38.65
N PHE A 390 1.58 16.02 -37.75
CA PHE A 390 2.97 15.87 -37.39
C PHE A 390 3.63 14.70 -38.16
N HIS A 391 4.81 14.97 -38.72
CA HIS A 391 5.58 13.98 -39.48
C HIS A 391 6.50 13.20 -38.51
N THR A 392 6.25 11.90 -38.34
CA THR A 392 6.95 11.11 -37.32
C THR A 392 8.40 10.78 -37.66
N GLY A 393 8.75 10.81 -38.94
CA GLY A 393 10.05 10.37 -39.38
C GLY A 393 10.13 8.86 -39.56
N ASP A 394 9.00 8.17 -39.36
CA ASP A 394 8.93 6.71 -39.56
C ASP A 394 8.26 6.37 -40.87
N ILE A 395 8.84 5.39 -41.56
CA ILE A 395 8.24 4.81 -42.73
C ILE A 395 7.46 3.54 -42.34
N GLY A 396 6.23 3.50 -42.84
CA GLY A 396 5.34 2.35 -42.66
C GLY A 396 4.24 2.27 -43.73
N TYR A 397 3.37 1.27 -43.58
CA TYR A 397 2.19 1.16 -44.43
C TYR A 397 1.07 0.50 -43.63
N PHE A 398 -0.17 0.80 -44.05
CA PHE A 398 -1.36 0.17 -43.51
C PHE A 398 -1.70 -1.04 -44.38
N ASP A 399 -2.01 -2.17 -43.76
CA ASP A 399 -2.54 -3.29 -44.53
C ASP A 399 -4.05 -3.07 -44.74
N THR A 400 -4.74 -4.02 -45.36
CA THR A 400 -6.14 -3.80 -45.72
C THR A 400 -7.07 -3.82 -44.53
N ASP A 401 -6.59 -4.30 -43.39
CA ASP A 401 -7.35 -4.24 -42.13
C ASP A 401 -7.12 -2.94 -41.37
N GLY A 402 -6.24 -2.09 -41.88
CA GLY A 402 -5.95 -0.81 -41.23
C GLY A 402 -4.91 -0.94 -40.12
N TYR A 403 -4.19 -2.06 -40.11
CA TYR A 403 -3.11 -2.27 -39.15
C TYR A 403 -1.81 -1.71 -39.72
N LEU A 404 -1.08 -0.96 -38.89
CA LEU A 404 0.16 -0.34 -39.31
C LEU A 404 1.34 -1.32 -39.20
N HIS A 405 2.17 -1.35 -40.25
CA HIS A 405 3.41 -2.10 -40.24
C HIS A 405 4.56 -1.10 -40.42
N LEU A 406 5.49 -1.08 -39.48
CA LEU A 406 6.61 -0.16 -39.56
C LEU A 406 7.76 -0.77 -40.34
N VAL A 407 8.39 0.05 -41.17
CA VAL A 407 9.50 -0.37 -42.01
C VAL A 407 10.80 0.15 -41.38
N GLY A 408 10.73 1.36 -40.83
CA GLY A 408 11.85 1.86 -40.04
C GLY A 408 11.97 3.38 -40.10
N ARG A 409 12.88 3.95 -39.30
CA ARG A 409 13.16 5.38 -39.39
C ARG A 409 13.71 5.70 -40.78
N ILE A 410 13.24 6.80 -41.37
CA ILE A 410 13.72 7.23 -42.68
C ILE A 410 15.24 7.13 -42.78
N LYS A 411 15.95 7.68 -41.81
CA LYS A 411 17.41 7.74 -41.93
C LYS A 411 18.16 6.45 -41.52
N GLU A 412 17.44 5.40 -41.12
CA GLU A 412 18.05 4.09 -40.82
C GLU A 412 17.82 3.07 -41.92
N LEU A 413 16.94 3.37 -42.88
CA LEU A 413 16.76 2.44 -43.99
C LEU A 413 18.08 2.37 -44.75
N ILE A 414 18.41 1.17 -45.21
CA ILE A 414 19.71 0.92 -45.83
C ILE A 414 19.58 0.96 -47.33
N ASN A 415 20.13 1.98 -47.95
CA ASN A 415 19.95 2.12 -49.39
C ASN A 415 21.08 1.46 -50.16
N ARG A 416 20.87 0.20 -50.52
CA ARG A 416 21.88 -0.59 -51.22
C ARG A 416 21.58 -0.60 -52.71
N GLY A 417 22.26 0.26 -53.46
CA GLY A 417 22.13 0.28 -54.90
C GLY A 417 20.71 0.48 -55.40
N GLY A 418 19.94 1.33 -54.71
CA GLY A 418 18.59 1.60 -55.15
C GLY A 418 17.55 0.77 -54.42
N GLU A 419 17.99 -0.24 -53.68
CA GLU A 419 17.01 -0.97 -52.91
C GLU A 419 17.14 -0.76 -51.40
N LYS A 420 16.05 -0.34 -50.80
CA LYS A 420 16.04 0.00 -49.40
C LYS A 420 15.76 -1.23 -48.55
N ILE A 421 16.70 -1.51 -47.66
CA ILE A 421 16.60 -2.62 -46.74
C ILE A 421 16.08 -2.11 -45.41
N SER A 422 15.15 -2.86 -44.83
CA SER A 422 14.63 -2.57 -43.48
C SER A 422 15.42 -3.31 -42.40
N PRO A 423 16.18 -2.57 -41.57
CA PRO A 423 16.87 -3.20 -40.44
C PRO A 423 15.89 -3.88 -39.45
N ILE A 424 14.68 -3.35 -39.28
CA ILE A 424 13.66 -4.02 -38.46
C ILE A 424 13.43 -5.49 -38.92
N GLU A 425 13.25 -5.64 -40.22
CA GLU A 425 12.98 -6.95 -40.84
C GLU A 425 14.13 -7.95 -40.56
N VAL A 426 15.35 -7.45 -40.78
CA VAL A 426 16.51 -8.31 -40.62
C VAL A 426 16.73 -8.64 -39.14
N ASP A 427 16.50 -7.68 -38.22
CA ASP A 427 16.61 -7.97 -36.76
C ASP A 427 15.71 -9.13 -36.38
N ALA A 428 14.50 -9.07 -36.92
CA ALA A 428 13.54 -10.12 -36.57
C ALA A 428 14.10 -11.46 -37.05
N VAL A 429 14.67 -11.48 -38.25
CA VAL A 429 15.26 -12.77 -38.68
C VAL A 429 16.44 -13.23 -37.79
N LEU A 430 17.34 -12.33 -37.45
CA LEU A 430 18.48 -12.69 -36.61
C LEU A 430 18.06 -13.33 -35.31
N LEU A 431 17.00 -12.78 -34.70
CA LEU A 431 16.59 -13.33 -33.39
C LEU A 431 15.95 -14.72 -33.50
N THR A 432 15.66 -15.17 -34.71
CA THR A 432 15.10 -16.52 -34.87
C THR A 432 16.20 -17.60 -34.98
N HIS A 433 17.46 -17.19 -35.06
CA HIS A 433 18.56 -18.16 -35.07
C HIS A 433 18.67 -18.81 -33.68
N PRO A 434 18.80 -20.15 -33.65
CA PRO A 434 18.82 -20.91 -32.39
C PRO A 434 19.78 -20.37 -31.33
N ASP A 435 20.94 -19.90 -31.76
CA ASP A 435 21.98 -19.50 -30.82
C ASP A 435 22.17 -17.98 -30.71
N VAL A 436 21.20 -17.20 -31.17
CA VAL A 436 21.32 -15.75 -31.04
C VAL A 436 20.50 -15.24 -29.83
N SER A 437 21.18 -14.55 -28.92
CA SER A 437 20.51 -13.97 -27.76
C SER A 437 20.06 -12.55 -28.09
N GLN A 438 20.94 -11.80 -28.75
CA GLN A 438 20.56 -10.44 -29.18
C GLN A 438 21.13 -10.14 -30.55
N GLY A 439 20.50 -9.25 -31.31
CA GLY A 439 21.03 -8.91 -32.62
C GLY A 439 20.58 -7.53 -33.10
N VAL A 440 21.39 -6.88 -33.93
CA VAL A 440 21.03 -5.59 -34.47
C VAL A 440 21.68 -5.37 -35.83
N ALA A 441 20.85 -5.05 -36.83
CA ALA A 441 21.35 -4.77 -38.19
C ALA A 441 21.52 -3.26 -38.35
N PHE A 442 22.42 -2.86 -39.24
CA PHE A 442 22.70 -1.43 -39.45
C PHE A 442 23.35 -1.17 -40.80
N GLY A 443 23.18 0.06 -41.30
CA GLY A 443 23.75 0.46 -42.58
C GLY A 443 25.18 0.98 -42.43
N VAL A 444 26.01 0.69 -43.41
CA VAL A 444 27.39 1.16 -43.40
C VAL A 444 27.74 1.68 -44.78
N PRO A 445 28.76 2.53 -44.89
CA PRO A 445 29.06 2.98 -46.24
C PRO A 445 29.60 1.84 -47.12
N ASP A 446 29.32 1.92 -48.40
CA ASP A 446 29.84 0.92 -49.34
C ASP A 446 30.20 1.59 -50.63
N GLU A 447 31.38 1.26 -51.16
CA GLU A 447 31.84 1.94 -52.34
C GLU A 447 31.01 1.54 -53.57
N LYS A 448 30.64 0.26 -53.68
CA LYS A 448 29.87 -0.17 -54.83
C LYS A 448 28.37 0.14 -54.72
N TYR A 449 27.78 -0.05 -53.54
CA TYR A 449 26.32 0.10 -53.46
C TYR A 449 25.84 1.39 -52.79
N GLY A 450 26.79 2.21 -52.34
CA GLY A 450 26.47 3.41 -51.59
C GLY A 450 26.33 3.05 -50.13
N GLU A 451 25.37 2.19 -49.82
CA GLU A 451 25.25 1.66 -48.48
C GLU A 451 25.17 0.13 -48.51
N GLU A 452 25.64 -0.51 -47.45
CA GLU A 452 25.55 -1.96 -47.34
C GLU A 452 24.98 -2.29 -45.96
N ILE A 453 24.43 -3.48 -45.79
CA ILE A 453 23.95 -3.89 -44.47
C ILE A 453 24.99 -4.77 -43.78
N ASN A 454 25.25 -4.44 -42.51
CA ASN A 454 26.00 -5.25 -41.57
C ASN A 454 25.14 -5.55 -40.33
N CYS A 455 25.64 -6.38 -39.42
CA CYS A 455 24.91 -6.59 -38.17
C CYS A 455 25.85 -7.03 -37.05
N ALA A 456 25.37 -6.97 -35.81
CA ALA A 456 26.08 -7.53 -34.66
C ALA A 456 25.17 -8.49 -33.91
N VAL A 457 25.72 -9.61 -33.46
CA VAL A 457 24.93 -10.52 -32.66
C VAL A 457 25.70 -10.91 -31.39
N ILE A 458 24.91 -11.18 -30.36
CA ILE A 458 25.35 -11.78 -29.11
C ILE A 458 24.80 -13.18 -29.06
N PRO A 459 25.71 -14.17 -29.02
CA PRO A 459 25.35 -15.58 -28.93
C PRO A 459 24.79 -15.94 -27.55
N ARG A 460 23.99 -16.99 -27.49
CA ARG A 460 23.51 -17.49 -26.20
C ARG A 460 24.64 -18.08 -25.38
N GLU A 461 24.52 -17.99 -24.07
CA GLU A 461 25.43 -18.62 -23.11
C GLU A 461 25.82 -20.05 -23.49
N GLY A 462 27.11 -20.29 -23.64
CA GLY A 462 27.62 -21.62 -23.87
C GLY A 462 27.49 -22.10 -25.31
N THR A 463 27.08 -21.20 -26.20
CA THR A 463 26.98 -21.53 -27.61
C THR A 463 28.10 -20.81 -28.32
N THR A 464 28.51 -21.33 -29.48
CA THR A 464 29.45 -20.63 -30.33
C THR A 464 28.84 -20.36 -31.74
N VAL A 465 28.88 -19.10 -32.16
CA VAL A 465 28.34 -18.71 -33.48
C VAL A 465 29.40 -18.03 -34.34
N THR A 466 29.39 -18.32 -35.62
CA THR A 466 30.32 -17.65 -36.51
C THR A 466 29.58 -16.72 -37.48
N GLU A 467 30.32 -15.80 -38.07
CA GLU A 467 29.78 -14.94 -39.11
C GLU A 467 29.17 -15.79 -40.21
N GLU A 468 29.86 -16.87 -40.60
CA GLU A 468 29.35 -17.71 -41.69
C GLU A 468 28.06 -18.43 -41.31
N ASP A 469 27.93 -18.89 -40.06
CA ASP A 469 26.67 -19.46 -39.57
C ASP A 469 25.50 -18.49 -39.75
N ILE A 470 25.71 -17.27 -39.28
CA ILE A 470 24.66 -16.24 -39.29
C ILE A 470 24.30 -15.87 -40.72
N LYS A 471 25.32 -15.74 -41.56
CA LYS A 471 25.07 -15.40 -42.94
C LYS A 471 24.31 -16.51 -43.66
N ALA A 472 24.73 -17.75 -43.46
CA ALA A 472 24.03 -18.87 -44.08
C ALA A 472 22.57 -18.94 -43.60
N PHE A 473 22.34 -18.69 -42.32
CA PHE A 473 20.99 -18.71 -41.77
C PHE A 473 20.12 -17.58 -42.39
N CYS A 474 20.68 -16.39 -42.45
CA CYS A 474 20.03 -15.26 -43.09
C CYS A 474 19.68 -15.55 -44.54
N LYS A 475 20.59 -16.22 -45.25
CA LYS A 475 20.35 -16.46 -46.68
C LYS A 475 19.15 -17.37 -46.92
N LYS A 476 18.84 -18.19 -45.91
CA LYS A 476 17.76 -19.15 -46.02
C LYS A 476 16.41 -18.47 -45.75
N ASN A 477 16.46 -17.27 -45.19
CA ASN A 477 15.27 -16.57 -44.70
C ASN A 477 15.05 -15.16 -45.23
N LEU A 478 15.92 -14.70 -46.12
CA LEU A 478 15.84 -13.33 -46.66
C LEU A 478 16.29 -13.35 -48.12
N ALA A 479 15.74 -12.47 -48.95
CA ALA A 479 16.28 -12.24 -50.29
C ALA A 479 17.76 -11.88 -50.14
N ALA A 480 18.58 -12.36 -51.06
CA ALA A 480 20.03 -12.23 -50.94
C ALA A 480 20.47 -10.78 -50.68
N PHE A 481 19.83 -9.79 -51.32
CA PHE A 481 20.28 -8.41 -51.15
C PHE A 481 20.15 -7.90 -49.71
N LYS A 482 19.32 -8.56 -48.89
CA LYS A 482 19.09 -8.12 -47.51
C LYS A 482 20.09 -8.75 -46.52
N VAL A 483 20.81 -9.77 -46.98
CA VAL A 483 21.68 -10.50 -46.07
C VAL A 483 22.88 -9.65 -45.63
N PRO A 484 23.07 -9.48 -44.30
CA PRO A 484 24.24 -8.74 -43.81
C PRO A 484 25.56 -9.25 -44.43
N LYS A 485 26.36 -8.34 -44.97
CA LYS A 485 27.63 -8.73 -45.59
C LYS A 485 28.70 -9.00 -44.55
N ARG A 486 28.61 -8.32 -43.39
CA ARG A 486 29.47 -8.59 -42.27
C ARG A 486 28.63 -8.81 -41.01
N VAL A 487 29.04 -9.81 -40.23
CA VAL A 487 28.41 -10.18 -38.96
C VAL A 487 29.43 -10.06 -37.84
N PHE A 488 29.23 -9.10 -36.94
CA PHE A 488 30.10 -8.91 -35.80
C PHE A 488 29.62 -9.66 -34.59
N ILE A 489 30.49 -10.52 -34.05
CA ILE A 489 30.17 -11.25 -32.84
C ILE A 489 30.66 -10.47 -31.63
N THR A 490 29.76 -10.27 -30.67
CA THR A 490 30.11 -9.50 -29.51
C THR A 490 29.39 -10.04 -28.27
N ASP A 491 29.78 -9.52 -27.10
CA ASP A 491 29.22 -10.01 -25.84
C ASP A 491 28.33 -8.94 -25.24
N ASN A 492 28.33 -7.75 -25.83
CA ASN A 492 27.51 -6.66 -25.31
C ASN A 492 27.05 -5.63 -26.35
N LEU A 493 25.78 -5.24 -26.30
CA LEU A 493 25.28 -4.12 -27.10
C LEU A 493 24.73 -3.04 -26.18
N PRO A 494 25.32 -1.84 -26.26
CA PRO A 494 24.87 -0.73 -25.41
C PRO A 494 23.39 -0.38 -25.64
N LYS A 495 22.67 -0.04 -24.57
CA LYS A 495 21.27 0.43 -24.69
C LYS A 495 21.09 1.82 -24.12
N THR A 496 20.16 2.57 -24.70
CA THR A 496 19.77 3.83 -24.12
C THR A 496 19.05 3.55 -22.80
N ALA A 497 18.82 4.60 -22.02
CA ALA A 497 18.03 4.47 -20.80
C ALA A 497 16.58 4.05 -21.15
N SER A 498 16.10 4.45 -22.34
CA SER A 498 14.79 4.03 -22.84
C SER A 498 14.80 2.56 -23.37
N GLY A 499 15.90 1.84 -23.16
CA GLY A 499 15.97 0.43 -23.53
C GLY A 499 16.10 0.12 -25.01
N LYS A 500 16.64 1.06 -25.78
CA LYS A 500 16.84 0.90 -27.22
C LYS A 500 18.32 0.76 -27.56
N ILE A 501 18.63 -0.10 -28.52
CA ILE A 501 19.97 -0.13 -29.09
C ILE A 501 19.99 0.94 -30.16
N GLN A 502 20.96 1.84 -30.17
CA GLN A 502 20.99 2.86 -31.21
C GLN A 502 21.85 2.40 -32.39
N ARG A 503 21.24 2.20 -33.57
CA ARG A 503 21.95 1.62 -34.72
C ARG A 503 23.26 2.34 -35.12
N ARG A 504 23.23 3.67 -35.20
CA ARG A 504 24.43 4.39 -35.61
C ARG A 504 25.57 4.23 -34.58
N ILE A 505 25.24 4.15 -33.29
CA ILE A 505 26.28 3.93 -32.28
C ILE A 505 26.96 2.57 -32.47
N VAL A 506 26.15 1.51 -32.63
CA VAL A 506 26.70 0.18 -32.87
C VAL A 506 27.56 0.16 -34.15
N ALA A 507 27.02 0.77 -35.20
CA ALA A 507 27.73 0.85 -36.47
C ALA A 507 29.12 1.47 -36.28
N GLN A 508 29.13 2.65 -35.66
CA GLN A 508 30.36 3.37 -35.37
C GLN A 508 31.36 2.53 -34.56
N HIS A 509 30.82 1.78 -33.61
CA HIS A 509 31.64 0.93 -32.77
C HIS A 509 32.32 -0.20 -33.57
N PHE A 510 31.61 -0.79 -34.52
CA PHE A 510 32.24 -1.92 -35.22
C PHE A 510 32.98 -1.59 -36.53
N LEU A 511 32.83 -0.37 -37.03
CA LEU A 511 33.54 0.04 -38.25
C LEU A 511 34.97 0.51 -38.01
N MET B 1 13.71 -4.39 8.26
CA MET B 1 12.87 -5.43 8.84
C MET B 1 11.33 -5.26 8.61
N ASP B 2 10.88 -4.04 8.41
CA ASP B 2 9.45 -3.80 8.14
C ASP B 2 8.92 -4.56 6.91
N SER B 3 7.62 -4.83 6.90
CA SER B 3 6.95 -5.44 5.74
C SER B 3 5.52 -4.94 5.69
N ASP B 4 4.86 -5.05 4.53
CA ASP B 4 3.45 -4.67 4.47
C ASP B 4 2.53 -5.89 4.62
N THR B 5 3.11 -7.03 5.02
CA THR B 5 2.28 -8.13 5.49
C THR B 5 2.78 -8.57 6.87
N LEU B 6 1.88 -9.05 7.72
CA LEU B 6 2.33 -9.50 9.04
C LEU B 6 3.22 -10.75 8.89
N SER B 7 2.80 -11.69 8.07
CA SER B 7 3.61 -12.90 7.87
C SER B 7 5.03 -12.56 7.39
N GLY B 8 5.14 -11.60 6.46
CA GLY B 8 6.45 -11.16 5.98
C GLY B 8 7.32 -10.51 7.05
N LEU B 9 6.68 -9.68 7.88
CA LEU B 9 7.34 -9.03 8.97
C LEU B 9 7.90 -10.10 9.94
N LEU B 10 7.08 -11.08 10.28
CA LEU B 10 7.47 -12.13 11.24
C LEU B 10 8.59 -13.03 10.68
N GLU B 11 8.55 -13.25 9.37
CA GLU B 11 9.67 -13.98 8.74
C GLU B 11 10.99 -13.23 8.91
N ASN B 12 10.95 -11.91 8.64
CA ASN B 12 12.15 -11.07 8.82
C ASN B 12 12.63 -11.10 10.28
N VAL B 13 11.66 -11.02 11.21
CA VAL B 13 12.02 -11.05 12.63
C VAL B 13 12.69 -12.38 13.04
N ALA B 14 12.11 -13.50 12.62
CA ALA B 14 12.70 -14.82 12.90
C ALA B 14 14.13 -14.92 12.32
N LYS B 15 14.33 -14.43 11.10
CA LYS B 15 15.68 -14.50 10.53
C LYS B 15 16.69 -13.62 11.26
N LYS B 16 16.24 -12.46 11.72
CA LYS B 16 17.17 -11.55 12.45
C LYS B 16 17.44 -11.97 13.90
N PHE B 17 16.43 -12.51 14.58
CA PHE B 17 16.52 -12.84 16.01
C PHE B 17 16.11 -14.30 16.27
N PRO B 18 16.78 -15.25 15.58
CA PRO B 18 16.25 -16.61 15.62
C PRO B 18 16.30 -17.22 17.02
N ASP B 19 17.30 -16.84 17.84
CA ASP B 19 17.46 -17.45 19.17
C ASP B 19 16.89 -16.64 20.33
N ARG B 20 16.30 -15.49 20.03
CA ARG B 20 15.65 -14.71 21.06
C ARG B 20 14.36 -15.37 21.46
N ARG B 21 13.97 -15.19 22.73
CA ARG B 21 12.71 -15.77 23.19
C ARG B 21 11.54 -15.07 22.51
N ALA B 22 10.56 -15.87 22.08
CA ALA B 22 9.35 -15.34 21.45
C ALA B 22 8.12 -15.54 22.32
N LEU B 23 7.92 -16.80 22.75
CA LEU B 23 6.64 -17.19 23.39
C LEU B 23 6.88 -18.22 24.48
N SER B 24 6.51 -17.84 25.71
CA SER B 24 6.59 -18.74 26.87
C SER B 24 5.18 -19.02 27.35
N VAL B 25 5.00 -20.22 27.90
CA VAL B 25 3.88 -20.53 28.75
C VAL B 25 4.48 -20.74 30.12
N SER B 26 4.05 -19.94 31.10
CA SER B 26 4.66 -19.90 32.42
C SER B 26 4.82 -21.28 32.99
N GLY B 27 6.04 -21.60 33.39
CA GLY B 27 6.33 -22.88 34.03
C GLY B 27 6.50 -24.03 33.06
N LYS B 28 6.35 -23.77 31.76
CA LYS B 28 6.28 -24.88 30.80
C LYS B 28 7.07 -24.67 29.49
N PHE B 29 6.56 -23.83 28.58
CA PHE B 29 7.21 -23.69 27.27
C PHE B 29 8.04 -22.43 27.19
N ASN B 30 9.12 -22.49 26.41
CA ASN B 30 9.90 -21.30 26.05
C ASN B 30 10.38 -21.41 24.60
N LEU B 31 9.58 -20.92 23.66
CA LEU B 31 9.87 -21.03 22.24
C LEU B 31 10.71 -19.82 21.78
N THR B 32 11.73 -20.05 20.97
CA THR B 32 12.46 -18.93 20.36
C THR B 32 11.73 -18.48 19.11
N HIS B 33 12.13 -17.35 18.54
CA HIS B 33 11.48 -16.91 17.29
C HIS B 33 11.69 -17.90 16.12
N ALA B 34 12.88 -18.50 15.99
CA ALA B 34 13.06 -19.50 14.91
C ALA B 34 12.14 -20.72 15.10
N ARG B 35 12.08 -21.20 16.34
CA ARG B 35 11.27 -22.36 16.62
C ARG B 35 9.80 -22.09 16.37
N LEU B 36 9.34 -20.93 16.85
CA LEU B 36 7.93 -20.57 16.66
C LEU B 36 7.64 -20.42 15.15
N HIS B 37 8.54 -19.74 14.45
CA HIS B 37 8.38 -19.56 13.01
C HIS B 37 8.20 -20.90 12.28
N ASP B 38 9.06 -21.88 12.59
CA ASP B 38 8.96 -23.17 11.92
C ASP B 38 7.72 -23.96 12.33
N LEU B 39 7.32 -23.85 13.61
CA LEU B 39 6.08 -24.51 14.03
C LEU B 39 4.89 -23.97 13.22
N ILE B 40 4.90 -22.67 13.01
CA ILE B 40 3.83 -22.02 12.24
C ILE B 40 3.90 -22.50 10.78
N GLU B 41 5.09 -22.50 10.20
CA GLU B 41 5.24 -22.93 8.80
C GLU B 41 4.69 -24.34 8.61
N ARG B 42 5.11 -25.25 9.49
CA ARG B 42 4.71 -26.65 9.36
C ARG B 42 3.18 -26.84 9.58
N ALA B 43 2.63 -26.13 10.56
CA ALA B 43 1.17 -26.18 10.77
C ALA B 43 0.41 -25.59 9.56
N ALA B 44 0.88 -24.49 8.98
CA ALA B 44 0.23 -23.89 7.80
C ALA B 44 0.27 -24.89 6.67
N SER B 45 1.43 -25.53 6.50
CA SER B 45 1.58 -26.53 5.45
C SER B 45 0.56 -27.67 5.62
N ARG B 46 0.36 -28.10 6.87
CA ARG B 46 -0.66 -29.10 7.16
C ARG B 46 -2.07 -28.59 6.84
N LEU B 47 -2.34 -27.32 7.17
CA LEU B 47 -3.65 -26.74 6.87
C LEU B 47 -3.93 -26.81 5.37
N VAL B 48 -2.94 -26.43 4.57
CA VAL B 48 -3.13 -26.44 3.12
C VAL B 48 -3.26 -27.87 2.55
N SER B 49 -2.36 -28.78 2.95
CA SER B 49 -2.26 -30.12 2.35
C SER B 49 -3.28 -31.12 2.88
N ASP B 50 -3.56 -31.04 4.17
CA ASP B 50 -4.35 -32.07 4.84
C ASP B 50 -5.74 -31.60 5.24
N ALA B 51 -5.89 -30.30 5.46
CA ALA B 51 -7.21 -29.78 5.83
C ALA B 51 -7.87 -29.00 4.70
N GLY B 52 -7.24 -28.96 3.52
CA GLY B 52 -7.85 -28.33 2.35
C GLY B 52 -8.11 -26.84 2.43
N ILE B 53 -7.34 -26.13 3.24
CA ILE B 53 -7.51 -24.69 3.40
C ILE B 53 -6.95 -23.95 2.19
N LYS B 54 -7.80 -23.17 1.57
CA LYS B 54 -7.50 -22.42 0.37
C LYS B 54 -7.43 -20.91 0.69
N PRO B 55 -6.73 -20.12 -0.13
CA PRO B 55 -6.66 -18.66 0.06
C PRO B 55 -8.06 -18.06 0.12
N GLY B 56 -8.34 -17.25 1.14
CA GLY B 56 -9.64 -16.66 1.33
C GLY B 56 -10.54 -17.45 2.26
N ASP B 57 -10.21 -18.72 2.55
CA ASP B 57 -11.01 -19.48 3.51
C ASP B 57 -10.97 -18.85 4.92
N VAL B 58 -12.08 -18.96 5.64
CA VAL B 58 -12.17 -18.50 7.03
C VAL B 58 -12.04 -19.70 7.97
N VAL B 59 -11.14 -19.62 8.94
CA VAL B 59 -10.96 -20.68 9.94
C VAL B 59 -11.27 -20.08 11.30
N ALA B 60 -12.24 -20.65 12.00
CA ALA B 60 -12.62 -20.19 13.32
C ALA B 60 -11.68 -20.80 14.34
N LEU B 61 -11.34 -20.04 15.38
CA LEU B 61 -10.50 -20.62 16.45
C LEU B 61 -11.15 -20.36 17.79
N THR B 62 -11.22 -21.36 18.64
CA THR B 62 -11.66 -21.06 19.99
C THR B 62 -10.76 -21.82 20.99
N PHE B 63 -9.99 -21.03 21.72
CA PHE B 63 -8.93 -21.48 22.65
C PHE B 63 -8.88 -20.57 23.85
N PRO B 64 -8.38 -21.06 25.01
CA PRO B 64 -7.88 -20.11 26.02
C PRO B 64 -6.61 -19.40 25.46
N ASN B 65 -5.96 -18.57 26.25
CA ASN B 65 -4.72 -17.92 25.77
C ASN B 65 -3.57 -18.91 25.87
N THR B 66 -3.42 -19.74 24.83
CA THR B 66 -2.47 -20.84 24.88
C THR B 66 -1.48 -20.81 23.72
N VAL B 67 -0.45 -21.64 23.83
CA VAL B 67 0.57 -21.66 22.77
C VAL B 67 -0.06 -22.16 21.45
N GLU B 68 -1.00 -23.08 21.55
CA GLU B 68 -1.61 -23.63 20.35
C GLU B 68 -2.40 -22.55 19.67
N PHE B 69 -3.08 -21.70 20.44
CA PHE B 69 -3.81 -20.60 19.80
C PHE B 69 -2.85 -19.71 19.02
N VAL B 70 -1.71 -19.37 19.62
CA VAL B 70 -0.79 -18.46 18.95
C VAL B 70 -0.30 -19.07 17.62
N ILE B 71 0.12 -20.33 17.75
CA ILE B 71 0.68 -21.03 16.58
C ILE B 71 -0.38 -21.14 15.50
N MET B 72 -1.57 -21.59 15.86
CA MET B 72 -2.61 -21.81 14.83
C MET B 72 -3.13 -20.51 14.26
N PHE B 73 -3.23 -19.48 15.07
CA PHE B 73 -3.65 -18.17 14.56
C PHE B 73 -2.69 -17.73 13.43
N LEU B 74 -1.39 -17.80 13.74
CA LEU B 74 -0.41 -17.39 12.76
C LEU B 74 -0.31 -18.40 11.56
N ALA B 75 -0.58 -19.67 11.80
CA ALA B 75 -0.59 -20.68 10.73
C ALA B 75 -1.74 -20.44 9.73
N VAL B 76 -2.91 -20.10 10.27
CA VAL B 76 -4.08 -19.74 9.44
C VAL B 76 -3.73 -18.54 8.60
N ILE B 77 -3.23 -17.45 9.19
CA ILE B 77 -2.99 -16.32 8.28
C ILE B 77 -1.83 -16.59 7.29
N ARG B 78 -0.83 -17.36 7.71
CA ARG B 78 0.26 -17.75 6.80
C ARG B 78 -0.25 -18.56 5.59
N ALA B 79 -1.25 -19.40 5.81
CA ALA B 79 -1.83 -20.18 4.72
C ALA B 79 -2.76 -19.35 3.78
N ARG B 80 -2.75 -18.02 3.97
CA ARG B 80 -3.61 -17.06 3.21
C ARG B 80 -5.09 -17.18 3.57
N ALA B 81 -5.36 -17.72 4.75
CA ALA B 81 -6.70 -17.85 5.26
C ALA B 81 -6.95 -16.75 6.26
N THR B 82 -8.22 -16.57 6.62
CA THR B 82 -8.67 -15.56 7.57
C THR B 82 -8.99 -16.22 8.95
N ALA B 83 -8.33 -15.77 10.01
CA ALA B 83 -8.59 -16.31 11.35
C ALA B 83 -9.79 -15.58 11.96
N ALA B 84 -10.76 -16.36 12.48
CA ALA B 84 -11.92 -15.83 13.21
C ALA B 84 -11.89 -16.34 14.64
N PRO B 85 -11.11 -15.64 15.49
CA PRO B 85 -11.06 -16.09 16.90
C PRO B 85 -12.40 -15.83 17.59
N LEU B 86 -12.85 -16.77 18.40
CA LEU B 86 -14.16 -16.66 19.05
C LEU B 86 -14.05 -16.97 20.54
N ASN B 87 -14.83 -16.24 21.35
CA ASN B 87 -14.89 -16.42 22.80
C ASN B 87 -15.25 -17.86 23.16
N ALA B 88 -14.41 -18.54 23.93
CA ALA B 88 -14.66 -19.93 24.28
C ALA B 88 -15.95 -20.08 25.08
N ALA B 89 -16.41 -18.98 25.68
CA ALA B 89 -17.55 -19.05 26.60
C ALA B 89 -18.91 -18.95 25.90
N TYR B 90 -18.93 -18.78 24.57
CA TYR B 90 -20.17 -18.67 23.83
C TYR B 90 -21.06 -19.92 24.01
N THR B 91 -22.37 -19.72 23.94
CA THR B 91 -23.30 -20.84 23.90
C THR B 91 -23.28 -21.47 22.50
N ALA B 92 -23.89 -22.66 22.37
CA ALA B 92 -24.00 -23.31 21.07
C ALA B 92 -24.70 -22.42 20.05
N GLU B 93 -25.71 -21.66 20.51
CA GLU B 93 -26.46 -20.78 19.62
C GLU B 93 -25.57 -19.64 19.11
N GLU B 94 -24.83 -19.05 20.05
CA GLU B 94 -23.96 -17.95 19.69
C GLU B 94 -22.87 -18.47 18.75
N PHE B 95 -22.27 -19.62 19.09
CA PHE B 95 -21.26 -20.19 18.21
C PHE B 95 -21.83 -20.42 16.82
N GLU B 96 -23.06 -20.91 16.77
CA GLU B 96 -23.65 -21.20 15.46
C GLU B 96 -23.79 -19.92 14.64
N PHE B 97 -24.24 -18.87 15.32
CA PHE B 97 -24.38 -17.58 14.67
C PHE B 97 -23.03 -17.05 14.14
N TYR B 98 -22.01 -17.07 14.99
CA TYR B 98 -20.73 -16.50 14.59
C TYR B 98 -20.03 -17.33 13.53
N LEU B 99 -20.16 -18.66 13.63
CA LEU B 99 -19.57 -19.57 12.64
C LEU B 99 -20.23 -19.36 11.29
N SER B 100 -21.56 -19.28 11.28
CA SER B 100 -22.30 -19.01 10.04
C SER B 100 -22.00 -17.63 9.45
N ASP B 101 -22.08 -16.59 10.27
CA ASP B 101 -21.91 -15.22 9.81
C ASP B 101 -20.50 -14.92 9.30
N SER B 102 -19.50 -15.62 9.85
CA SER B 102 -18.12 -15.43 9.39
C SER B 102 -17.78 -16.31 8.17
N ASP B 103 -18.71 -17.18 7.78
CA ASP B 103 -18.49 -18.17 6.71
C ASP B 103 -17.33 -19.12 7.00
N SER B 104 -17.12 -19.46 8.28
CA SER B 104 -16.06 -20.40 8.67
C SER B 104 -16.18 -21.77 7.98
N LYS B 105 -15.03 -22.27 7.51
CA LYS B 105 -14.93 -23.55 6.79
C LYS B 105 -14.33 -24.62 7.68
N LEU B 106 -13.81 -24.19 8.81
CA LEU B 106 -13.10 -25.11 9.72
C LEU B 106 -13.13 -24.52 11.13
N LEU B 107 -13.26 -25.41 12.12
CA LEU B 107 -13.20 -25.01 13.52
C LEU B 107 -11.99 -25.67 14.20
N LEU B 108 -11.08 -24.84 14.72
CA LEU B 108 -9.93 -25.31 15.49
C LEU B 108 -10.16 -25.11 16.96
N THR B 109 -9.82 -26.13 17.75
CA THR B 109 -9.83 -26.05 19.22
C THR B 109 -8.63 -26.80 19.81
N SER B 110 -8.49 -26.75 21.13
CA SER B 110 -7.55 -27.62 21.82
C SER B 110 -7.99 -29.10 21.77
N LYS B 111 -7.11 -29.97 22.26
CA LYS B 111 -7.40 -31.38 22.54
C LYS B 111 -8.66 -31.54 23.35
N GLU B 112 -8.82 -30.69 24.38
CA GLU B 112 -9.98 -30.77 25.28
C GLU B 112 -11.28 -30.45 24.56
N GLY B 113 -11.19 -29.61 23.56
CA GLY B 113 -12.35 -29.30 22.75
C GLY B 113 -13.24 -28.24 23.37
N ASN B 114 -14.36 -27.99 22.72
CA ASN B 114 -15.34 -27.02 23.19
C ASN B 114 -16.69 -27.53 22.76
N ALA B 115 -17.45 -28.11 23.68
CA ALA B 115 -18.69 -28.81 23.31
C ALA B 115 -19.70 -27.87 22.64
N PRO B 116 -19.93 -26.66 23.18
CA PRO B 116 -20.86 -25.80 22.42
C PRO B 116 -20.38 -25.46 20.99
N ALA B 117 -19.10 -25.12 20.82
CA ALA B 117 -18.61 -24.79 19.48
C ALA B 117 -18.68 -26.03 18.59
N GLN B 118 -18.33 -27.18 19.13
CA GLN B 118 -18.38 -28.41 18.32
C GLN B 118 -19.82 -28.81 17.94
N GLU B 119 -20.76 -28.56 18.84
CA GLU B 119 -22.19 -28.80 18.58
C GLU B 119 -22.66 -27.91 17.43
N ALA B 120 -22.34 -26.62 17.54
CA ALA B 120 -22.68 -25.65 16.51
C ALA B 120 -22.03 -26.02 15.15
N ALA B 121 -20.77 -26.44 15.18
CA ALA B 121 -20.04 -26.78 13.95
C ALA B 121 -20.66 -28.01 13.29
N SER B 122 -20.93 -29.04 14.10
CA SER B 122 -21.58 -30.25 13.60
CA SER B 122 -21.56 -30.25 13.60
C SER B 122 -22.92 -29.95 12.96
N LYS B 123 -23.69 -29.08 13.60
CA LYS B 123 -25.00 -28.69 13.05
C LYS B 123 -24.81 -28.00 11.68
N LEU B 124 -23.76 -27.21 11.54
CA LEU B 124 -23.50 -26.49 10.31
C LEU B 124 -22.64 -27.26 9.34
N LYS B 125 -22.32 -28.50 9.67
CA LYS B 125 -21.46 -29.35 8.84
C LYS B 125 -20.08 -28.71 8.62
N ILE B 126 -19.54 -28.05 9.64
CA ILE B 126 -18.19 -27.49 9.56
C ILE B 126 -17.17 -28.43 10.22
N SER B 127 -16.09 -28.80 9.51
CA SER B 127 -15.08 -29.70 10.10
C SER B 127 -14.47 -29.14 11.39
N HIS B 128 -14.12 -30.03 12.31
CA HIS B 128 -13.48 -29.67 13.58
C HIS B 128 -12.14 -30.38 13.69
N VAL B 129 -11.10 -29.62 14.01
CA VAL B 129 -9.75 -30.16 14.14
C VAL B 129 -9.12 -29.66 15.43
N THR B 130 -8.43 -30.54 16.15
CA THR B 130 -7.79 -30.13 17.39
C THR B 130 -6.30 -29.90 17.14
N ALA B 131 -5.69 -29.09 17.99
CA ALA B 131 -4.28 -28.73 17.87
C ALA B 131 -3.60 -28.86 19.23
N THR B 132 -2.47 -29.58 19.26
CA THR B 132 -1.74 -29.85 20.50
C THR B 132 -0.24 -29.78 20.31
N LEU B 133 0.41 -28.99 21.15
CA LEU B 133 1.86 -28.89 21.16
C LEU B 133 2.37 -29.74 22.28
N LEU B 134 3.19 -30.72 21.92
CA LEU B 134 3.69 -31.71 22.87
C LEU B 134 4.99 -31.26 23.51
N ASP B 135 6.09 -31.45 22.78
CA ASP B 135 7.41 -31.11 23.32
C ASP B 135 8.26 -30.43 22.25
N ALA B 136 9.49 -30.09 22.62
CA ALA B 136 10.35 -29.27 21.77
C ALA B 136 11.02 -30.05 20.62
N GLY B 137 10.75 -31.35 20.53
CA GLY B 137 11.26 -32.14 19.43
C GLY B 137 10.20 -32.44 18.38
N SER B 138 8.97 -31.99 18.61
CA SER B 138 7.86 -32.41 17.74
C SER B 138 7.07 -31.25 17.18
N ASP B 139 6.55 -31.42 15.95
CA ASP B 139 5.64 -30.40 15.40
C ASP B 139 4.33 -30.35 16.21
N LEU B 140 3.57 -29.28 16.02
CA LEU B 140 2.24 -29.21 16.57
C LEU B 140 1.44 -30.34 15.91
N VAL B 141 0.63 -31.03 16.72
CA VAL B 141 -0.16 -32.17 16.24
C VAL B 141 -1.59 -31.75 15.91
N LEU B 142 -1.99 -31.95 14.67
CA LEU B 142 -3.36 -31.66 14.26
C LEU B 142 -4.08 -32.99 14.07
N SER B 143 -5.35 -33.05 14.46
CA SER B 143 -6.16 -34.28 14.38
C SER B 143 -6.63 -34.65 12.97
N VAL B 144 -6.02 -34.06 11.95
CA VAL B 144 -6.36 -34.41 10.58
C VAL B 144 -5.28 -35.37 10.05
N ALA B 145 -5.70 -36.35 9.25
CA ALA B 145 -4.80 -37.36 8.70
C ALA B 145 -3.76 -36.79 7.73
N ASP B 146 -2.65 -37.49 7.56
CA ASP B 146 -1.66 -37.15 6.54
C ASP B 146 -2.03 -37.75 5.18
N ALA B 154 3.58 -25.23 2.22
CA ALA B 154 3.54 -23.87 2.75
C ALA B 154 4.64 -22.96 2.22
N THR B 155 5.80 -23.54 1.91
CA THR B 155 7.02 -22.77 1.67
C THR B 155 6.88 -21.68 0.56
N GLU B 156 6.18 -22.01 -0.54
CA GLU B 156 5.99 -21.05 -1.65
C GLU B 156 4.59 -20.42 -1.66
N LEU B 157 3.91 -20.48 -0.51
CA LEU B 157 2.78 -19.61 -0.22
C LEU B 157 3.29 -18.20 -0.27
N VAL B 158 2.61 -17.33 -1.00
CA VAL B 158 2.90 -15.91 -1.00
C VAL B 158 1.75 -15.17 -0.31
N ASN B 159 2.09 -14.44 0.74
CA ASN B 159 1.05 -13.65 1.44
C ASN B 159 0.89 -12.29 0.80
N HIS B 160 -0.34 -11.97 0.38
CA HIS B 160 -0.65 -10.70 -0.27
C HIS B 160 -1.15 -9.72 0.78
N PRO B 161 -0.74 -8.45 0.71
CA PRO B 161 -1.22 -7.46 1.68
C PRO B 161 -2.74 -7.38 1.75
N ASP B 162 -3.41 -7.58 0.61
CA ASP B 162 -4.86 -7.47 0.62
C ASP B 162 -5.56 -8.78 0.94
N ASP B 163 -4.81 -9.84 1.22
CA ASP B 163 -5.42 -11.08 1.73
C ASP B 163 -6.11 -10.80 3.08
N GLY B 164 -7.29 -11.38 3.27
CA GLY B 164 -7.93 -11.33 4.58
C GLY B 164 -7.04 -12.09 5.55
N ALA B 165 -7.00 -11.65 6.81
CA ALA B 165 -6.19 -12.31 7.83
C ALA B 165 -6.93 -12.46 9.17
N LEU B 166 -7.80 -11.52 9.49
CA LEU B 166 -8.49 -11.47 10.78
C LEU B 166 -9.93 -11.01 10.58
N PHE B 167 -10.85 -11.74 11.18
CA PHE B 167 -12.25 -11.40 11.09
C PHE B 167 -12.81 -11.32 12.49
N LEU B 168 -13.40 -10.19 12.82
CA LEU B 168 -13.99 -9.97 14.15
C LEU B 168 -15.35 -9.34 14.03
N HIS B 169 -16.10 -9.25 15.13
CA HIS B 169 -17.38 -8.53 15.06
C HIS B 169 -17.40 -7.42 16.11
N THR B 170 -18.16 -6.36 15.85
CA THR B 170 -18.28 -5.23 16.78
C THR B 170 -19.13 -5.63 18.00
N SER B 171 -18.91 -4.96 19.14
CA SER B 171 -19.52 -5.35 20.41
C SER B 171 -21.03 -5.13 20.49
N GLY B 172 -21.55 -4.17 19.74
CA GLY B 172 -22.98 -3.88 19.76
C GLY B 172 -23.47 -3.02 20.92
N THR B 173 -22.56 -2.23 21.49
CA THR B 173 -22.86 -1.36 22.62
C THR B 173 -23.87 -0.28 22.27
N THR B 174 -23.69 0.35 21.11
CA THR B 174 -24.60 1.42 20.69
C THR B 174 -25.42 1.05 19.46
N SER B 175 -24.88 0.15 18.64
CA SER B 175 -25.59 -0.39 17.50
C SER B 175 -25.55 -1.92 17.45
N ARG B 176 -26.03 -2.55 16.38
CA ARG B 176 -25.98 -4.02 16.29
C ARG B 176 -24.65 -4.56 15.71
N PRO B 177 -24.22 -5.76 16.13
CA PRO B 177 -22.96 -6.41 15.74
C PRO B 177 -22.69 -6.51 14.24
N LYS B 178 -21.59 -5.91 13.81
CA LYS B 178 -21.19 -5.90 12.40
C LYS B 178 -19.90 -6.72 12.25
N GLY B 179 -19.74 -7.41 11.12
CA GLY B 179 -18.50 -8.14 10.87
C GLY B 179 -17.39 -7.23 10.36
N VAL B 180 -16.20 -7.37 10.93
CA VAL B 180 -15.07 -6.54 10.54
C VAL B 180 -13.95 -7.39 9.94
N PRO B 181 -13.79 -7.36 8.60
CA PRO B 181 -12.69 -8.07 7.97
C PRO B 181 -11.42 -7.22 7.98
N LEU B 182 -10.32 -7.81 8.43
CA LEU B 182 -9.01 -7.14 8.48
C LEU B 182 -8.00 -7.95 7.70
N THR B 183 -7.12 -7.25 6.98
CA THR B 183 -6.19 -7.87 6.04
C THR B 183 -4.77 -8.08 6.64
N GLN B 184 -3.92 -8.76 5.88
CA GLN B 184 -2.48 -8.82 6.21
C GLN B 184 -1.91 -7.41 6.35
N LEU B 185 -2.34 -6.54 5.43
CA LEU B 185 -1.86 -5.16 5.45
C LEU B 185 -2.34 -4.39 6.69
N ASN B 186 -3.61 -4.54 7.06
CA ASN B 186 -4.14 -3.94 8.28
C ASN B 186 -3.28 -4.34 9.49
N LEU B 187 -3.05 -5.64 9.60
CA LEU B 187 -2.27 -6.16 10.74
C LEU B 187 -0.84 -5.62 10.75
N ALA B 188 -0.17 -5.68 9.61
CA ALA B 188 1.23 -5.22 9.51
C ALA B 188 1.31 -3.76 9.90
N SER B 189 0.35 -2.97 9.41
CA SER B 189 0.31 -1.53 9.71
C SER B 189 0.19 -1.28 11.20
N SER B 190 -0.77 -1.95 11.85
CA SER B 190 -0.97 -1.67 13.28
C SER B 190 0.22 -2.19 14.10
N VAL B 191 0.77 -3.34 13.72
CA VAL B 191 1.96 -3.83 14.43
C VAL B 191 3.11 -2.80 14.32
N LYS B 192 3.34 -2.27 13.11
CA LYS B 192 4.38 -1.26 12.95
C LYS B 192 4.08 -0.02 13.81
N ASN B 193 2.82 0.44 13.83
CA ASN B 193 2.42 1.60 14.63
C ASN B 193 2.69 1.42 16.13
N ILE B 194 2.26 0.26 16.63
CA ILE B 194 2.37 -0.05 18.05
C ILE B 194 3.85 -0.19 18.46
N LYS B 195 4.61 -0.95 17.68
CA LYS B 195 6.05 -1.07 17.88
C LYS B 195 6.74 0.32 17.85
N ALA B 196 6.36 1.18 16.90
CA ALA B 196 6.97 2.50 16.79
C ALA B 196 6.69 3.39 18.00
N VAL B 197 5.43 3.53 18.38
CA VAL B 197 5.14 4.51 19.42
C VAL B 197 5.68 4.09 20.82
N TYR B 198 5.78 2.78 21.06
CA TYR B 198 6.33 2.34 22.36
C TYR B 198 7.82 1.94 22.25
N LYS B 199 8.41 2.12 21.07
CA LYS B 199 9.78 1.67 20.79
C LYS B 199 10.01 0.25 21.29
N LEU B 200 9.12 -0.67 20.92
CA LEU B 200 9.32 -2.08 21.27
C LEU B 200 10.57 -2.61 20.54
N THR B 201 11.43 -3.30 21.27
CA THR B 201 12.61 -3.92 20.69
C THR B 201 12.72 -5.35 21.19
N GLU B 202 13.74 -6.03 20.70
CA GLU B 202 13.92 -7.46 20.97
C GLU B 202 14.27 -7.74 22.45
N SER B 203 14.61 -6.69 23.20
CA SER B 203 14.83 -6.81 24.65
CA SER B 203 14.83 -6.88 24.63
C SER B 203 13.52 -6.75 25.45
N ASP B 204 12.41 -6.36 24.81
CA ASP B 204 11.16 -6.20 25.58
C ASP B 204 10.45 -7.53 25.87
N SER B 205 9.58 -7.50 26.88
CA SER B 205 8.96 -8.71 27.37
C SER B 205 7.67 -8.35 28.07
N THR B 206 6.63 -9.16 27.87
CA THR B 206 5.36 -8.90 28.53
C THR B 206 4.57 -10.18 28.85
N VAL B 207 3.59 -10.02 29.73
CA VAL B 207 2.64 -11.09 30.09
C VAL B 207 1.24 -10.70 29.61
N ILE B 208 0.57 -11.59 28.90
CA ILE B 208 -0.76 -11.32 28.34
C ILE B 208 -1.78 -11.42 29.46
N VAL B 209 -2.56 -10.36 29.67
CA VAL B 209 -3.56 -10.38 30.73
C VAL B 209 -4.96 -10.07 30.19
N LEU B 210 -5.11 -10.15 28.86
CA LEU B 210 -6.38 -9.89 28.18
C LEU B 210 -6.71 -11.02 27.20
N PRO B 211 -8.00 -11.22 26.91
CA PRO B 211 -8.32 -12.28 25.93
C PRO B 211 -7.72 -12.03 24.54
N LEU B 212 -7.13 -13.07 23.93
CA LEU B 212 -6.53 -12.93 22.59
C LEU B 212 -7.58 -13.02 21.46
N PHE B 213 -8.87 -13.14 21.81
CA PHE B 213 -9.88 -13.09 20.76
C PHE B 213 -10.46 -11.66 20.59
N HIS B 214 -9.85 -10.68 21.26
CA HIS B 214 -10.15 -9.25 21.02
C HIS B 214 -8.85 -8.53 20.60
N VAL B 215 -8.98 -7.42 19.87
CA VAL B 215 -7.80 -6.85 19.21
C VAL B 215 -6.81 -6.25 20.17
N HIS B 216 -7.24 -5.82 21.36
CA HIS B 216 -6.28 -5.17 22.25
C HIS B 216 -5.19 -6.19 22.65
N GLY B 217 -5.59 -7.31 23.27
CA GLY B 217 -4.60 -8.32 23.65
C GLY B 217 -3.88 -8.90 22.44
N LEU B 218 -4.64 -9.16 21.37
CA LEU B 218 -4.07 -9.77 20.17
C LEU B 218 -3.03 -8.90 19.42
N LEU B 219 -3.41 -7.66 19.06
CA LEU B 219 -2.50 -6.76 18.30
C LEU B 219 -1.38 -6.21 19.18
N ALA B 220 -1.73 -5.66 20.36
CA ALA B 220 -0.73 -4.98 21.18
C ALA B 220 0.10 -5.95 21.99
N GLY B 221 -0.56 -6.80 22.80
CA GLY B 221 0.20 -7.70 23.67
C GLY B 221 0.99 -8.74 22.89
N LEU B 222 0.31 -9.39 21.95
CA LEU B 222 0.91 -10.53 21.25
C LEU B 222 1.62 -10.14 19.97
N LEU B 223 0.87 -9.68 18.96
CA LEU B 223 1.49 -9.58 17.63
C LEU B 223 2.57 -8.48 17.54
N SER B 224 2.36 -7.34 18.20
CA SER B 224 3.35 -6.25 18.10
C SER B 224 4.64 -6.64 18.84
N SER B 225 4.47 -7.36 19.96
CA SER B 225 5.68 -7.92 20.59
C SER B 225 6.45 -8.85 19.62
N LEU B 226 5.76 -9.83 19.03
CA LEU B 226 6.45 -10.76 18.13
C LEU B 226 7.10 -10.00 16.94
N GLY B 227 6.38 -9.01 16.48
CA GLY B 227 6.85 -8.20 15.36
C GLY B 227 8.05 -7.36 15.71
N ALA B 228 8.34 -7.19 17.01
CA ALA B 228 9.60 -6.52 17.42
C ALA B 228 10.77 -7.48 17.77
N GLY B 229 10.54 -8.77 17.69
CA GLY B 229 11.51 -9.74 18.14
C GLY B 229 11.50 -9.84 19.66
N ALA B 230 10.48 -9.25 20.26
CA ALA B 230 10.27 -9.22 21.71
C ALA B 230 9.68 -10.57 22.21
N ALA B 231 9.51 -10.72 23.52
CA ALA B 231 8.98 -11.98 24.11
C ALA B 231 7.59 -11.74 24.72
N VAL B 232 6.78 -12.78 24.68
CA VAL B 232 5.43 -12.80 25.21
C VAL B 232 5.31 -14.01 26.14
N THR B 233 4.74 -13.80 27.34
CA THR B 233 4.46 -14.92 28.24
C THR B 233 2.96 -15.09 28.45
N LEU B 234 2.48 -16.33 28.32
CA LEU B 234 1.06 -16.59 28.62
C LEU B 234 0.99 -17.21 30.02
N PRO B 235 0.05 -16.74 30.85
CA PRO B 235 -0.18 -17.37 32.15
C PRO B 235 -0.46 -18.86 32.01
N ALA B 236 -0.01 -19.61 33.02
CA ALA B 236 -0.14 -21.04 33.02
C ALA B 236 -1.59 -21.48 32.84
N ALA B 237 -2.52 -20.69 33.35
CA ALA B 237 -3.91 -21.14 33.32
C ALA B 237 -4.69 -20.57 32.11
N GLY B 238 -4.02 -19.85 31.21
CA GLY B 238 -4.68 -19.48 29.95
C GLY B 238 -5.61 -18.29 30.03
N ARG B 239 -5.49 -17.56 31.14
CA ARG B 239 -6.27 -16.34 31.36
C ARG B 239 -5.58 -15.51 32.43
N PHE B 240 -5.96 -14.24 32.52
CA PHE B 240 -5.40 -13.39 33.56
C PHE B 240 -5.65 -13.99 34.95
N SER B 241 -4.60 -13.99 35.76
CA SER B 241 -4.71 -14.31 37.19
C SER B 241 -4.05 -13.20 38.01
N ALA B 242 -4.78 -12.57 38.93
CA ALA B 242 -4.16 -11.50 39.69
C ALA B 242 -3.05 -12.02 40.60
N THR B 243 -3.15 -13.30 40.99
CA THR B 243 -2.15 -13.83 41.93
C THR B 243 -0.85 -14.27 41.22
N THR B 244 -0.92 -14.79 40.00
CA THR B 244 0.33 -15.16 39.31
C THR B 244 0.93 -14.02 38.46
N PHE B 245 0.18 -12.92 38.31
CA PHE B 245 0.64 -11.85 37.39
C PHE B 245 2.07 -11.37 37.68
N TRP B 246 2.32 -10.82 38.86
CA TRP B 246 3.64 -10.28 39.13
C TRP B 246 4.73 -11.35 39.22
N PRO B 247 4.41 -12.54 39.78
CA PRO B 247 5.48 -13.56 39.72
C PRO B 247 5.87 -13.88 38.26
N ASP B 248 4.89 -13.93 37.36
CA ASP B 248 5.19 -14.15 35.94
C ASP B 248 5.96 -12.97 35.35
N MET B 249 5.55 -11.75 35.65
CA MET B 249 6.26 -10.55 35.17
C MET B 249 7.71 -10.58 35.63
N LYS B 250 7.94 -10.97 36.88
CA LYS B 250 9.31 -10.99 37.41
C LYS B 250 10.15 -12.10 36.79
N LYS B 251 9.60 -13.30 36.77
CA LYS B 251 10.34 -14.47 36.30
C LYS B 251 10.74 -14.40 34.82
N TYR B 252 9.89 -13.78 34.00
CA TYR B 252 10.11 -13.74 32.56
C TYR B 252 10.53 -12.33 32.14
N ASN B 253 11.08 -11.58 33.10
CA ASN B 253 11.82 -10.34 32.82
C ASN B 253 11.01 -9.33 32.04
N ALA B 254 9.73 -9.19 32.40
CA ALA B 254 8.85 -8.28 31.70
C ALA B 254 9.34 -6.83 31.79
N THR B 255 9.08 -6.07 30.71
CA THR B 255 9.46 -4.66 30.64
C THR B 255 8.25 -3.74 30.48
N TRP B 256 7.07 -4.33 30.24
CA TRP B 256 5.83 -3.55 30.11
C TRP B 256 4.64 -4.47 30.18
N TYR B 257 3.45 -3.91 30.33
CA TYR B 257 2.24 -4.65 30.03
C TYR B 257 1.14 -3.71 29.58
N THR B 258 0.10 -4.30 29.01
CA THR B 258 -1.03 -3.49 28.57
C THR B 258 -2.32 -4.15 29.10
N ALA B 259 -3.26 -3.33 29.55
CA ALA B 259 -4.54 -3.83 30.04
C ALA B 259 -5.65 -2.80 29.88
N VAL B 260 -6.89 -3.20 30.15
CA VAL B 260 -8.03 -2.27 30.16
C VAL B 260 -8.21 -1.75 31.60
N PRO B 261 -8.85 -0.57 31.77
CA PRO B 261 -8.96 -0.05 33.14
C PRO B 261 -9.54 -1.01 34.18
N THR B 262 -10.53 -1.85 33.87
CA THR B 262 -11.07 -2.73 34.90
C THR B 262 -10.02 -3.78 35.38
N ILE B 263 -9.15 -4.22 34.46
CA ILE B 263 -8.10 -5.17 34.84
C ILE B 263 -7.02 -4.41 35.66
N HIS B 264 -6.70 -3.18 35.26
CA HIS B 264 -5.79 -2.38 36.10
C HIS B 264 -6.35 -2.18 37.52
N GLN B 265 -7.66 -1.96 37.63
CA GLN B 265 -8.30 -1.81 38.95
C GLN B 265 -8.12 -3.11 39.75
N ILE B 266 -8.36 -4.27 39.12
CA ILE B 266 -8.11 -5.53 39.88
C ILE B 266 -6.64 -5.68 40.33
N ILE B 267 -5.71 -5.34 39.44
CA ILE B 267 -4.28 -5.38 39.79
C ILE B 267 -3.96 -4.43 40.98
N LEU B 268 -4.58 -3.25 40.96
CA LEU B 268 -4.41 -2.30 42.07
C LEU B 268 -4.99 -2.85 43.37
N ASP B 269 -6.17 -3.47 43.28
CA ASP B 269 -6.78 -4.08 44.47
C ASP B 269 -5.87 -5.13 45.09
N ARG B 270 -5.27 -5.95 44.23
CA ARG B 270 -4.33 -6.98 44.68
C ARG B 270 -3.06 -6.38 45.32
N HIS B 271 -2.60 -5.25 44.77
CA HIS B 271 -1.48 -4.53 45.36
C HIS B 271 -1.87 -4.01 46.74
N ALA B 272 -3.13 -3.59 46.90
CA ALA B 272 -3.56 -3.07 48.21
C ALA B 272 -3.65 -4.20 49.23
N SER B 273 -4.14 -5.36 48.81
CA SER B 273 -4.37 -6.45 49.74
C SER B 273 -3.16 -7.41 49.91
N HIS B 274 -2.33 -7.49 48.87
CA HIS B 274 -1.16 -8.35 48.89
CA HIS B 274 -1.16 -8.35 48.91
C HIS B 274 -0.02 -7.71 48.11
N PRO B 275 0.57 -6.63 48.64
CA PRO B 275 1.70 -5.99 47.97
C PRO B 275 2.91 -6.90 47.80
N GLU B 276 3.50 -6.92 46.61
CA GLU B 276 4.76 -7.63 46.43
C GLU B 276 5.83 -6.84 47.19
N THR B 277 6.82 -7.55 47.72
CA THR B 277 7.86 -6.89 48.47
C THR B 277 8.67 -5.99 47.56
N GLU B 278 8.76 -6.41 46.30
CA GLU B 278 9.37 -5.57 45.28
C GLU B 278 8.72 -5.85 43.92
N TYR B 279 8.69 -4.82 43.09
CA TYR B 279 8.14 -4.93 41.73
C TYR B 279 9.24 -4.73 40.69
N PRO B 280 9.13 -5.41 39.55
CA PRO B 280 10.13 -5.16 38.51
C PRO B 280 10.01 -3.72 38.02
N LYS B 281 11.08 -3.10 37.54
CA LYS B 281 10.97 -1.73 37.08
C LYS B 281 10.64 -1.74 35.58
N LEU B 282 9.43 -1.35 35.24
CA LEU B 282 8.95 -1.45 33.85
C LEU B 282 9.25 -0.18 33.04
N ARG B 283 9.48 -0.31 31.72
CA ARG B 283 9.58 0.87 30.86
C ARG B 283 8.26 1.70 30.88
N PHE B 284 7.13 1.02 30.85
CA PHE B 284 5.84 1.73 30.88
C PHE B 284 4.76 0.70 31.16
N ILE B 285 3.60 1.21 31.58
CA ILE B 285 2.37 0.45 31.72
C ILE B 285 1.34 1.08 30.79
N ARG B 286 0.62 0.26 30.01
CA ARG B 286 -0.32 0.82 29.00
C ARG B 286 -1.78 0.58 29.40
N SER B 287 -2.65 1.58 29.12
CA SER B 287 -4.08 1.38 29.29
C SER B 287 -4.80 1.73 27.97
N CYS B 288 -5.86 1.00 27.66
CA CYS B 288 -6.64 1.23 26.42
C CYS B 288 -8.02 0.56 26.53
N SER B 289 -8.89 0.88 25.57
CA SER B 289 -10.20 0.24 25.31
C SER B 289 -11.38 0.91 26.01
N ALA B 290 -11.15 1.59 27.14
CA ALA B 290 -12.19 2.35 27.86
C ALA B 290 -11.45 3.44 28.62
N SER B 291 -12.14 4.50 29.00
CA SER B 291 -11.47 5.64 29.60
C SER B 291 -10.71 5.30 30.85
N LEU B 292 -9.44 5.69 30.92
CA LEU B 292 -8.67 5.59 32.18
C LEU B 292 -8.84 6.83 33.06
N ALA B 293 -9.56 6.72 34.18
CA ALA B 293 -9.68 7.89 35.03
C ALA B 293 -8.30 8.33 35.53
N PRO B 294 -8.09 9.66 35.58
CA PRO B 294 -6.84 10.20 36.10
C PRO B 294 -6.45 9.62 37.46
N VAL B 295 -7.44 9.33 38.31
CA VAL B 295 -7.07 8.84 39.66
C VAL B 295 -6.49 7.41 39.56
N ILE B 296 -6.96 6.63 38.61
CA ILE B 296 -6.41 5.31 38.41
C ILE B 296 -4.99 5.42 37.83
N LEU B 297 -4.78 6.34 36.89
CA LEU B 297 -3.45 6.59 36.37
C LEU B 297 -2.48 6.89 37.51
N SER B 298 -2.85 7.84 38.37
CA SER B 298 -2.02 8.22 39.50
CA SER B 298 -1.98 8.22 39.47
C SER B 298 -1.74 7.04 40.42
N ARG B 299 -2.79 6.24 40.69
CA ARG B 299 -2.60 5.09 41.60
C ARG B 299 -1.66 4.05 41.02
N LEU B 300 -1.78 3.80 39.72
CA LEU B 300 -0.87 2.88 39.03
C LEU B 300 0.59 3.39 39.06
N GLU B 301 0.80 4.68 38.76
CA GLU B 301 2.18 5.21 38.78
C GLU B 301 2.76 5.18 40.20
N GLU B 302 1.90 5.46 41.19
CA GLU B 302 2.37 5.41 42.59
C GLU B 302 2.70 3.98 43.02
N ALA B 303 1.85 3.02 42.64
CA ALA B 303 2.02 1.63 43.09
C ALA B 303 3.24 0.98 42.46
N PHE B 304 3.41 1.15 41.14
CA PHE B 304 4.40 0.35 40.42
C PHE B 304 5.59 1.14 39.87
N GLY B 305 5.55 2.46 40.02
CA GLY B 305 6.69 3.29 39.71
C GLY B 305 7.05 3.40 38.24
N ALA B 306 6.08 3.18 37.34
CA ALA B 306 6.34 3.28 35.92
C ALA B 306 5.33 4.24 35.26
N PRO B 307 5.76 4.93 34.20
CA PRO B 307 4.83 5.83 33.50
C PRO B 307 3.66 5.04 32.88
N VAL B 308 2.47 5.59 33.05
CA VAL B 308 1.27 4.94 32.54
C VAL B 308 0.78 5.71 31.31
N LEU B 309 0.81 5.04 30.16
CA LEU B 309 0.51 5.63 28.85
C LEU B 309 -0.83 5.12 28.36
N GLU B 310 -1.79 6.04 28.19
CA GLU B 310 -3.11 5.69 27.71
C GLU B 310 -3.18 5.83 26.19
N ALA B 311 -3.83 4.84 25.57
CA ALA B 311 -4.09 4.79 24.13
C ALA B 311 -5.58 4.66 23.88
N TYR B 312 -5.97 4.94 22.62
CA TYR B 312 -7.34 4.85 22.13
C TYR B 312 -7.31 3.97 20.87
N ALA B 313 -8.27 3.05 20.80
CA ALA B 313 -8.23 1.97 19.80
C ALA B 313 -9.62 1.43 19.54
N MET B 314 -9.80 0.77 18.41
CA MET B 314 -11.06 0.10 18.15
C MET B 314 -10.86 -0.97 17.09
N THR B 315 -11.82 -1.89 17.01
CA THR B 315 -11.70 -3.01 16.10
C THR B 315 -11.47 -2.60 14.63
N GLU B 316 -12.24 -1.62 14.17
CA GLU B 316 -12.14 -1.13 12.79
C GLU B 316 -10.80 -0.48 12.45
N ALA B 317 -10.02 -0.09 13.46
CA ALA B 317 -8.67 0.48 13.25
C ALA B 317 -7.56 -0.56 13.43
N THR B 318 -7.97 -1.82 13.49
CA THR B 318 -7.05 -2.90 13.84
C THR B 318 -6.35 -2.49 15.16
N HIS B 319 -7.16 -2.07 16.14
CA HIS B 319 -6.69 -1.60 17.45
C HIS B 319 -6.19 -0.13 17.36
N LEU B 320 -4.86 0.11 17.46
CA LEU B 320 -4.35 1.45 17.81
C LEU B 320 -4.76 2.60 16.86
N MET B 321 -5.30 3.65 17.46
CA MET B 321 -5.50 4.91 16.74
C MET B 321 -4.55 6.00 17.27
N SER B 322 -4.61 6.22 18.58
CA SER B 322 -3.76 7.27 19.14
C SER B 322 -3.15 6.80 20.46
N SER B 323 -2.04 7.40 20.84
CA SER B 323 -1.46 7.11 22.15
C SER B 323 -0.71 8.28 22.74
N ASN B 324 -0.72 8.36 24.07
CA ASN B 324 0.30 9.14 24.73
C ASN B 324 1.68 8.57 24.36
N PRO B 325 2.70 9.43 24.24
CA PRO B 325 4.04 8.98 23.85
C PRO B 325 4.81 8.47 25.06
N LEU B 326 5.97 7.87 24.81
CA LEU B 326 6.95 7.59 25.86
C LEU B 326 7.44 8.92 26.46
N PRO B 327 7.82 8.91 27.76
CA PRO B 327 8.32 10.13 28.42
C PRO B 327 9.47 10.82 27.66
N GLU B 328 10.37 10.04 27.06
CA GLU B 328 11.52 10.59 26.33
C GLU B 328 11.03 11.32 25.07
N GLU B 329 9.80 11.06 24.64
CA GLU B 329 9.31 11.74 23.41
C GLU B 329 8.31 12.86 23.73
N GLY B 330 7.65 12.79 24.88
CA GLY B 330 6.67 13.83 25.22
C GLY B 330 5.92 13.49 26.50
N PRO B 331 5.15 14.45 27.02
CA PRO B 331 4.38 14.22 28.25
C PRO B 331 3.26 13.23 28.03
N HIS B 332 2.75 12.61 29.09
CA HIS B 332 1.49 11.88 28.96
C HIS B 332 0.43 12.60 29.78
N LYS B 333 -0.74 12.81 29.21
CA LYS B 333 -1.76 13.67 29.79
C LYS B 333 -2.92 12.86 30.41
N PRO B 334 -3.16 13.01 31.72
CA PRO B 334 -4.34 12.36 32.30
C PRO B 334 -5.59 12.87 31.61
N GLY B 335 -6.58 12.01 31.38
CA GLY B 335 -7.81 12.41 30.70
C GLY B 335 -7.68 12.47 29.17
N SER B 336 -6.49 12.16 28.65
CA SER B 336 -6.23 12.24 27.22
C SER B 336 -5.66 10.92 26.65
N VAL B 337 -5.96 10.65 25.38
CA VAL B 337 -5.48 9.45 24.72
C VAL B 337 -4.40 9.79 23.71
N GLY B 338 -3.82 10.97 23.86
CA GLY B 338 -2.61 11.29 23.14
C GLY B 338 -2.78 11.58 21.66
N LYS B 339 -1.74 11.26 20.88
CA LYS B 339 -1.64 11.69 19.49
C LYS B 339 -1.80 10.51 18.53
N PRO B 340 -2.34 10.77 17.33
CA PRO B 340 -2.53 9.78 16.27
C PRO B 340 -1.20 9.14 15.95
N VAL B 341 -1.20 7.82 15.71
CA VAL B 341 0.03 7.10 15.38
C VAL B 341 -0.10 6.45 13.99
N GLY B 342 0.72 6.91 13.04
CA GLY B 342 0.78 6.28 11.72
C GLY B 342 -0.49 6.33 10.91
N GLN B 343 -1.40 7.24 11.26
CA GLN B 343 -2.64 7.46 10.49
C GLN B 343 -3.13 8.87 10.67
N GLU B 344 -3.99 9.30 9.75
CA GLU B 344 -4.59 10.61 9.86
C GLU B 344 -5.74 10.59 10.81
N MET B 345 -5.94 11.71 11.48
CA MET B 345 -7.06 11.80 12.40
C MET B 345 -7.59 13.25 12.39
N ALA B 346 -8.90 13.42 12.33
CA ALA B 346 -9.52 14.76 12.25
C ALA B 346 -10.79 14.78 13.09
N ILE B 347 -11.18 15.96 13.55
CA ILE B 347 -12.41 16.18 14.30
C ILE B 347 -13.39 16.87 13.38
N LEU B 348 -14.51 16.21 13.07
CA LEU B 348 -15.50 16.76 12.10
C LEU B 348 -16.84 17.12 12.75
N ASN B 349 -17.45 18.25 12.35
CA ASN B 349 -18.83 18.49 12.78
C ASN B 349 -19.77 17.69 11.86
N GLU B 350 -21.07 17.86 12.03
CA GLU B 350 -22.04 17.05 11.30
C GLU B 350 -22.10 17.38 9.81
N LYS B 351 -21.59 18.54 9.42
CA LYS B 351 -21.52 18.86 8.00
C LYS B 351 -20.17 18.43 7.43
N GLY B 352 -19.38 17.71 8.24
CA GLY B 352 -18.11 17.21 7.78
C GLY B 352 -17.00 18.25 7.77
N GLU B 353 -17.20 19.37 8.45
CA GLU B 353 -16.15 20.41 8.51
C GLU B 353 -15.15 20.17 9.63
N ILE B 354 -13.85 20.27 9.31
CA ILE B 354 -12.78 20.08 10.31
C ILE B 354 -12.83 21.15 11.40
N GLN B 355 -12.70 20.73 12.64
CA GLN B 355 -12.78 21.65 13.78
C GLN B 355 -11.41 22.17 14.20
N GLU B 356 -11.38 23.40 14.67
CA GLU B 356 -10.18 23.99 15.27
C GLU B 356 -9.93 23.34 16.62
N PRO B 357 -8.68 23.41 17.14
CA PRO B 357 -8.43 22.84 18.47
C PRO B 357 -9.43 23.31 19.53
N ASN B 358 -9.70 22.42 20.48
CA ASN B 358 -10.63 22.65 21.60
C ASN B 358 -12.06 22.85 21.16
N ASN B 359 -12.34 22.42 19.93
CA ASN B 359 -13.71 22.31 19.48
C ASN B 359 -14.09 20.83 19.28
N LYS B 360 -15.21 20.44 19.89
CA LYS B 360 -15.68 19.05 19.83
C LYS B 360 -16.30 18.66 18.49
N GLY B 361 -16.23 17.38 18.18
CA GLY B 361 -16.85 16.83 16.98
C GLY B 361 -16.52 15.35 16.93
N GLU B 362 -16.86 14.69 15.83
CA GLU B 362 -16.62 13.25 15.72
C GLU B 362 -15.20 12.97 15.25
N VAL B 363 -14.52 12.10 16.00
CA VAL B 363 -13.20 11.60 15.60
C VAL B 363 -13.30 10.75 14.36
N CYS B 364 -12.50 11.11 13.35
CA CYS B 364 -12.47 10.39 12.09
C CYS B 364 -11.03 10.01 11.76
N ILE B 365 -10.84 8.83 11.20
CA ILE B 365 -9.48 8.35 10.94
C ILE B 365 -9.29 7.92 9.49
N ARG B 366 -8.02 7.92 9.06
CA ARG B 366 -7.73 7.34 7.75
C ARG B 366 -6.35 6.77 7.74
N GLY B 367 -6.23 5.51 7.32
CA GLY B 367 -4.90 4.92 7.21
C GLY B 367 -4.94 3.43 6.85
N PRO B 368 -3.77 2.84 6.60
CA PRO B 368 -3.68 1.45 6.13
C PRO B 368 -4.03 0.42 7.22
N ASN B 369 -4.23 0.88 8.46
CA ASN B 369 -4.68 0.03 9.55
C ASN B 369 -6.22 -0.10 9.58
N VAL B 370 -6.91 0.74 8.80
CA VAL B 370 -8.36 0.76 8.90
C VAL B 370 -8.99 -0.28 7.99
N THR B 371 -10.00 -0.99 8.50
CA THR B 371 -10.76 -1.92 7.65
C THR B 371 -11.22 -1.27 6.31
N LYS B 372 -11.30 -2.06 5.23
CA LYS B 372 -11.85 -1.55 3.96
C LYS B 372 -13.37 -1.35 4.06
N GLY B 373 -13.96 -2.03 5.03
CA GLY B 373 -15.40 -1.95 5.20
C GLY B 373 -16.03 -3.14 5.92
N TYR B 374 -17.19 -2.89 6.52
CA TYR B 374 -17.95 -3.97 7.15
C TYR B 374 -18.37 -5.02 6.13
N LYS B 375 -18.49 -6.27 6.58
CA LYS B 375 -18.86 -7.34 5.68
C LYS B 375 -20.35 -7.30 5.37
N ASN B 376 -20.70 -7.36 4.09
CA ASN B 376 -22.11 -7.45 3.65
C ASN B 376 -22.99 -6.40 4.33
N ASN B 377 -22.55 -5.15 4.32
CA ASN B 377 -23.35 -4.10 4.94
C ASN B 377 -23.11 -2.79 4.23
N PRO B 378 -23.63 -2.66 3.00
CA PRO B 378 -23.33 -1.42 2.26
C PRO B 378 -23.88 -0.16 2.95
N GLU B 379 -24.95 -0.27 3.73
CA GLU B 379 -25.50 0.95 4.38
C GLU B 379 -24.57 1.43 5.49
N ALA B 380 -24.01 0.48 6.26
CA ALA B 380 -23.07 0.87 7.33
C ALA B 380 -21.79 1.42 6.72
N ASN B 381 -21.41 0.90 5.55
CA ASN B 381 -20.19 1.41 4.92
C ASN B 381 -20.41 2.82 4.34
N LYS B 382 -21.55 3.03 3.69
CA LYS B 382 -21.89 4.38 3.20
C LYS B 382 -21.95 5.36 4.36
N ALA B 383 -22.52 4.94 5.50
CA ALA B 383 -22.60 5.85 6.64
C ALA B 383 -21.27 6.11 7.33
N GLY B 384 -20.42 5.10 7.39
CA GLY B 384 -19.21 5.20 8.21
C GLY B 384 -17.96 5.70 7.49
N PHE B 385 -17.96 5.65 6.15
CA PHE B 385 -16.78 5.98 5.35
C PHE B 385 -17.03 7.09 4.33
N GLU B 386 -16.11 8.06 4.24
CA GLU B 386 -16.19 9.07 3.19
C GLU B 386 -14.80 9.50 2.74
N PHE B 387 -14.54 9.31 1.45
CA PHE B 387 -13.22 9.64 0.86
C PHE B 387 -12.06 9.02 1.68
N GLY B 388 -12.26 7.76 2.09
CA GLY B 388 -11.23 7.08 2.86
C GLY B 388 -11.31 7.28 4.36
N TRP B 389 -12.07 8.27 4.82
CA TRP B 389 -12.14 8.56 6.27
C TRP B 389 -13.24 7.77 6.97
N PHE B 390 -12.87 7.10 8.05
CA PHE B 390 -13.81 6.33 8.83
C PHE B 390 -14.29 7.13 10.04
N HIS B 391 -15.61 7.16 10.21
CA HIS B 391 -16.26 7.85 11.32
C HIS B 391 -16.35 6.91 12.51
N THR B 392 -15.63 7.23 13.58
CA THR B 392 -15.51 6.33 14.74
C THR B 392 -16.78 6.22 15.61
N GLY B 393 -17.65 7.20 15.56
CA GLY B 393 -18.80 7.21 16.47
C GLY B 393 -18.45 7.82 17.83
N ASP B 394 -17.21 8.27 17.98
CA ASP B 394 -16.76 8.93 19.21
C ASP B 394 -16.67 10.45 19.06
N ILE B 395 -17.09 11.18 20.09
CA ILE B 395 -16.88 12.62 20.19
C ILE B 395 -15.64 12.92 21.03
N GLY B 396 -14.80 13.81 20.49
CA GLY B 396 -13.60 14.27 21.15
C GLY B 396 -13.16 15.64 20.64
N TYR B 397 -12.04 16.13 21.16
CA TYR B 397 -11.41 17.34 20.65
C TYR B 397 -9.89 17.22 20.83
N PHE B 398 -9.14 17.93 19.99
CA PHE B 398 -7.69 18.06 20.12
C PHE B 398 -7.38 19.30 20.93
N ASP B 399 -6.45 19.22 21.86
CA ASP B 399 -5.94 20.44 22.51
C ASP B 399 -4.86 21.03 21.60
N THR B 400 -4.23 22.13 22.03
CA THR B 400 -3.28 22.83 21.15
C THR B 400 -1.98 22.06 20.94
N ASP B 401 -1.72 21.04 21.76
CA ASP B 401 -0.55 20.18 21.56
C ASP B 401 -0.84 19.02 20.62
N GLY B 402 -2.09 18.92 20.18
CA GLY B 402 -2.48 17.86 19.27
C GLY B 402 -2.83 16.58 20.00
N TYR B 403 -3.04 16.65 21.32
CA TYR B 403 -3.47 15.50 22.10
C TYR B 403 -5.00 15.40 22.08
N LEU B 404 -5.50 14.19 21.85
CA LEU B 404 -6.93 13.93 21.77
C LEU B 404 -7.54 13.71 23.17
N HIS B 405 -8.65 14.40 23.39
CA HIS B 405 -9.45 14.20 24.59
C HIS B 405 -10.81 13.67 24.16
N LEU B 406 -11.15 12.50 24.67
CA LEU B 406 -12.42 11.89 24.37
C LEU B 406 -13.50 12.34 25.31
N VAL B 407 -14.67 12.59 24.74
CA VAL B 407 -15.85 13.04 25.46
C VAL B 407 -16.80 11.86 25.64
N GLY B 408 -16.89 11.03 24.61
CA GLY B 408 -17.67 9.81 24.73
C GLY B 408 -18.29 9.35 23.41
N ARG B 409 -18.91 8.17 23.42
CA ARG B 409 -19.65 7.70 22.25
C ARG B 409 -20.85 8.63 22.00
N ILE B 410 -21.11 8.98 20.74
CA ILE B 410 -22.22 9.84 20.39
C ILE B 410 -23.50 9.38 21.09
N LYS B 411 -23.82 8.09 21.01
CA LYS B 411 -25.06 7.63 21.59
C LYS B 411 -25.03 7.42 23.10
N GLU B 412 -23.91 7.68 23.77
CA GLU B 412 -23.92 7.57 25.24
C GLU B 412 -23.94 8.91 25.95
N LEU B 413 -23.71 10.00 25.20
CA LEU B 413 -23.75 11.34 25.80
C LEU B 413 -25.18 11.56 26.31
N ILE B 414 -25.26 12.24 27.42
CA ILE B 414 -26.53 12.42 28.08
C ILE B 414 -27.03 13.81 27.76
N ASN B 415 -28.08 13.90 26.95
CA ASN B 415 -28.60 15.19 26.55
C ASN B 415 -29.63 15.71 27.55
N ARG B 416 -29.18 16.52 28.52
CA ARG B 416 -30.05 17.06 29.55
C ARG B 416 -30.47 18.46 29.13
N GLY B 417 -31.66 18.56 28.52
CA GLY B 417 -32.20 19.85 28.10
C GLY B 417 -31.31 20.64 27.15
N GLY B 418 -30.59 19.93 26.28
CA GLY B 418 -29.74 20.60 25.32
C GLY B 418 -28.28 20.63 25.75
N GLU B 419 -28.00 20.27 27.00
CA GLU B 419 -26.61 20.18 27.41
C GLU B 419 -26.13 18.75 27.56
N LYS B 420 -25.08 18.40 26.82
CA LYS B 420 -24.61 17.04 26.74
C LYS B 420 -23.60 16.77 27.86
N ILE B 421 -23.92 15.80 28.69
CA ILE B 421 -23.06 15.39 29.78
C ILE B 421 -22.23 14.22 29.29
N SER B 422 -20.94 14.26 29.62
CA SER B 422 -20.02 13.18 29.34
C SER B 422 -19.98 12.17 30.48
N PRO B 423 -20.48 10.94 30.24
CA PRO B 423 -20.38 9.90 31.27
C PRO B 423 -18.93 9.58 31.67
N ILE B 424 -18.01 9.67 30.72
CA ILE B 424 -16.57 9.49 31.01
C ILE B 424 -16.13 10.43 32.14
N GLU B 425 -16.49 11.70 31.99
CA GLU B 425 -16.09 12.72 32.97
C GLU B 425 -16.64 12.40 34.37
N VAL B 426 -17.92 12.04 34.41
CA VAL B 426 -18.55 11.79 35.69
C VAL B 426 -17.99 10.50 36.31
N ASP B 427 -17.75 9.45 35.49
CA ASP B 427 -17.12 8.21 36.01
C ASP B 427 -15.82 8.54 36.71
N ALA B 428 -15.03 9.39 36.04
CA ALA B 428 -13.73 9.73 36.60
C ALA B 428 -13.91 10.41 37.95
N VAL B 429 -14.90 11.31 38.05
CA VAL B 429 -15.13 11.90 39.40
C VAL B 429 -15.56 10.88 40.45
N LEU B 430 -16.50 10.00 40.10
CA LEU B 430 -16.98 8.98 41.03
C LEU B 430 -15.85 8.13 41.58
N LEU B 431 -14.89 7.77 40.71
CA LEU B 431 -13.82 6.92 41.24
C LEU B 431 -12.87 7.67 42.20
N THR B 432 -12.99 8.99 42.31
CA THR B 432 -12.14 9.70 43.27
C THR B 432 -12.73 9.74 44.67
N HIS B 433 -13.97 9.27 44.84
CA HIS B 433 -14.56 9.18 46.17
C HIS B 433 -13.80 8.10 46.94
N PRO B 434 -13.41 8.42 48.19
CA PRO B 434 -12.62 7.53 49.03
C PRO B 434 -13.18 6.12 49.14
N ASP B 435 -14.51 5.96 49.15
CA ASP B 435 -15.12 4.64 49.39
C ASP B 435 -15.73 3.98 48.16
N VAL B 436 -15.40 4.49 46.98
CA VAL B 436 -15.94 3.90 45.76
C VAL B 436 -14.92 3.00 45.10
N SER B 437 -15.31 1.75 44.87
CA SER B 437 -14.46 0.78 44.18
C SER B 437 -14.74 0.83 42.68
N GLN B 438 -16.02 0.87 42.32
CA GLN B 438 -16.35 0.97 40.89
C GLN B 438 -17.54 1.92 40.71
N GLY B 439 -17.65 2.54 39.55
CA GLY B 439 -18.78 3.43 39.30
C GLY B 439 -19.08 3.56 37.82
N VAL B 440 -20.33 3.85 37.48
CA VAL B 440 -20.67 4.03 36.07
C VAL B 440 -21.87 4.96 35.96
N ALA B 441 -21.74 6.01 35.16
CA ALA B 441 -22.86 6.94 34.94
C ALA B 441 -23.60 6.52 33.68
N PHE B 442 -24.88 6.88 33.60
CA PHE B 442 -25.69 6.53 32.44
C PHE B 442 -26.88 7.46 32.32
N GLY B 443 -27.39 7.59 31.09
CA GLY B 443 -28.55 8.43 30.85
C GLY B 443 -29.84 7.66 31.05
N VAL B 444 -30.87 8.34 31.56
CA VAL B 444 -32.23 7.80 31.72
C VAL B 444 -33.27 8.80 31.20
N PRO B 445 -34.49 8.34 30.88
CA PRO B 445 -35.46 9.34 30.43
C PRO B 445 -35.86 10.31 31.53
N ASP B 446 -36.19 11.52 31.11
CA ASP B 446 -36.63 12.55 32.04
C ASP B 446 -37.67 13.42 31.35
N GLU B 447 -38.76 13.77 32.04
CA GLU B 447 -39.81 14.55 31.38
C GLU B 447 -39.39 15.99 31.07
N LYS B 448 -38.76 16.65 32.05
CA LYS B 448 -38.40 18.04 31.85
C LYS B 448 -37.17 18.18 30.93
N TYR B 449 -36.17 17.32 31.09
CA TYR B 449 -34.93 17.52 30.34
C TYR B 449 -34.73 16.57 29.15
N GLY B 450 -35.67 15.65 28.93
CA GLY B 450 -35.49 14.65 27.88
C GLY B 450 -34.68 13.47 28.40
N GLU B 451 -33.44 13.75 28.79
CA GLU B 451 -32.61 12.75 29.45
C GLU B 451 -32.04 13.35 30.75
N GLU B 452 -31.80 12.50 31.72
CA GLU B 452 -31.19 12.88 32.99
C GLU B 452 -30.02 11.91 33.24
N ILE B 453 -29.05 12.28 34.08
CA ILE B 453 -27.95 11.37 34.42
C ILE B 453 -28.22 10.68 35.76
N ASN B 454 -28.01 9.37 35.77
CA ASN B 454 -28.00 8.58 37.02
C ASN B 454 -26.66 7.86 37.07
N CYS B 455 -26.38 7.16 38.16
CA CYS B 455 -25.18 6.33 38.17
C CYS B 455 -25.34 5.17 39.14
N ALA B 456 -24.48 4.16 39.03
CA ALA B 456 -24.42 3.12 40.04
C ALA B 456 -22.98 2.97 40.51
N VAL B 457 -22.81 2.74 41.82
CA VAL B 457 -21.49 2.53 42.39
C VAL B 457 -21.42 1.26 43.23
N ILE B 458 -20.22 0.67 43.22
CA ILE B 458 -19.86 -0.44 44.10
C ILE B 458 -18.90 0.13 45.13
N PRO B 459 -19.30 0.06 46.42
CA PRO B 459 -18.51 0.53 47.55
C PRO B 459 -17.30 -0.38 47.79
N ARG B 460 -16.28 0.17 48.44
CA ARG B 460 -15.13 -0.62 48.86
C ARG B 460 -15.56 -1.59 49.96
N GLU B 461 -14.89 -2.75 49.99
CA GLU B 461 -15.04 -3.73 51.05
C GLU B 461 -15.03 -3.09 52.43
N GLY B 462 -16.11 -3.28 53.19
CA GLY B 462 -16.13 -2.83 54.56
C GLY B 462 -16.43 -1.36 54.76
N THR B 463 -16.85 -0.69 53.69
CA THR B 463 -17.22 0.71 53.79
C THR B 463 -18.74 0.81 53.63
N THR B 464 -19.32 1.88 54.13
CA THR B 464 -20.74 2.16 53.90
C THR B 464 -20.89 3.46 53.12
N VAL B 465 -21.56 3.37 51.97
CA VAL B 465 -21.80 4.54 51.13
C VAL B 465 -23.28 4.75 50.86
N THR B 466 -23.74 5.99 50.93
CA THR B 466 -25.14 6.28 50.62
C THR B 466 -25.24 7.13 49.35
N GLU B 467 -26.43 7.13 48.75
CA GLU B 467 -26.74 7.97 47.60
C GLU B 467 -26.41 9.42 47.90
N GLU B 468 -26.78 9.88 49.08
CA GLU B 468 -26.59 11.26 49.42
C GLU B 468 -25.09 11.59 49.55
N ASP B 469 -24.29 10.67 50.10
CA ASP B 469 -22.83 10.83 50.16
C ASP B 469 -22.27 11.09 48.77
N ILE B 470 -22.64 10.22 47.84
CA ILE B 470 -22.13 10.28 46.50
C ILE B 470 -22.56 11.56 45.82
N LYS B 471 -23.82 11.97 46.01
CA LYS B 471 -24.30 13.18 45.40
C LYS B 471 -23.61 14.44 45.95
N ALA B 472 -23.51 14.54 47.26
CA ALA B 472 -22.82 15.67 47.87
C ALA B 472 -21.36 15.73 47.39
N PHE B 473 -20.72 14.57 47.26
CA PHE B 473 -19.33 14.53 46.77
C PHE B 473 -19.25 15.00 45.30
N CYS B 474 -20.15 14.50 44.46
CA CYS B 474 -20.22 14.95 43.07
C CYS B 474 -20.46 16.48 42.96
N LYS B 475 -21.33 17.02 43.81
CA LYS B 475 -21.66 18.45 43.77
C LYS B 475 -20.44 19.34 44.04
N LYS B 476 -19.45 18.80 44.77
CA LYS B 476 -18.25 19.56 45.08
C LYS B 476 -17.23 19.51 43.94
N ASN B 477 -17.45 18.61 42.98
CA ASN B 477 -16.45 18.35 41.95
C ASN B 477 -16.97 18.48 40.49
N LEU B 478 -18.21 18.90 40.31
CA LEU B 478 -18.83 18.99 38.99
C LEU B 478 -19.82 20.15 38.97
N ALA B 479 -20.02 20.78 37.82
CA ALA B 479 -21.13 21.73 37.65
C ALA B 479 -22.43 20.98 37.99
N ALA B 480 -23.36 21.68 38.62
CA ALA B 480 -24.59 21.06 39.14
C ALA B 480 -25.32 20.19 38.11
N PHE B 481 -25.40 20.68 36.87
CA PHE B 481 -26.18 19.98 35.87
C PHE B 481 -25.63 18.59 35.55
N LYS B 482 -24.35 18.32 35.89
CA LYS B 482 -23.73 17.03 35.58
C LYS B 482 -23.90 16.00 36.70
N VAL B 483 -24.36 16.46 37.86
CA VAL B 483 -24.43 15.59 39.05
C VAL B 483 -25.53 14.55 38.90
N PRO B 484 -25.18 13.26 39.06
CA PRO B 484 -26.21 12.21 39.01
C PRO B 484 -27.41 12.52 39.92
N LYS B 485 -28.63 12.46 39.35
CA LYS B 485 -29.85 12.78 40.12
C LYS B 485 -30.22 11.59 41.01
N ARG B 486 -29.88 10.39 40.55
CA ARG B 486 -29.98 9.20 41.39
C ARG B 486 -28.68 8.38 41.40
N VAL B 487 -28.36 7.85 42.57
CA VAL B 487 -27.20 6.96 42.74
C VAL B 487 -27.65 5.61 43.27
N PHE B 488 -27.49 4.58 42.46
CA PHE B 488 -27.82 3.24 42.88
C PHE B 488 -26.59 2.57 43.48
N ILE B 489 -26.72 2.10 44.72
CA ILE B 489 -25.62 1.36 45.36
C ILE B 489 -25.80 -0.12 45.04
N THR B 490 -24.75 -0.77 44.54
CA THR B 490 -24.84 -2.17 44.13
C THR B 490 -23.54 -2.88 44.43
N ASP B 491 -23.53 -4.21 44.28
CA ASP B 491 -22.34 -5.02 44.60
C ASP B 491 -21.69 -5.62 43.35
N ASN B 492 -22.35 -5.48 42.21
CA ASN B 492 -21.83 -6.05 40.98
C ASN B 492 -22.18 -5.22 39.76
N LEU B 493 -21.19 -5.00 38.91
CA LEU B 493 -21.41 -4.36 37.62
C LEU B 493 -20.92 -5.29 36.50
N PRO B 494 -21.86 -5.75 35.64
CA PRO B 494 -21.48 -6.69 34.56
C PRO B 494 -20.42 -6.11 33.61
N LYS B 495 -19.50 -6.95 33.15
CA LYS B 495 -18.50 -6.52 32.18
C LYS B 495 -18.51 -7.39 30.92
N THR B 496 -18.20 -6.78 29.78
CA THR B 496 -18.02 -7.53 28.55
C THR B 496 -16.76 -8.38 28.64
N ALA B 497 -16.59 -9.29 27.69
CA ALA B 497 -15.36 -10.06 27.61
C ALA B 497 -14.20 -9.10 27.36
N SER B 498 -14.48 -7.98 26.69
CA SER B 498 -13.52 -6.90 26.39
C SER B 498 -13.18 -6.05 27.63
N GLY B 499 -13.73 -6.41 28.78
CA GLY B 499 -13.48 -5.71 30.04
C GLY B 499 -14.19 -4.37 30.17
N LYS B 500 -15.28 -4.17 29.43
CA LYS B 500 -16.02 -2.92 29.50
C LYS B 500 -17.38 -3.12 30.18
N ILE B 501 -17.79 -2.13 30.98
CA ILE B 501 -19.15 -2.10 31.50
C ILE B 501 -20.06 -1.52 30.43
N GLN B 502 -21.22 -2.15 30.20
CA GLN B 502 -22.15 -1.61 29.20
C GLN B 502 -23.19 -0.67 29.83
N ARG B 503 -23.10 0.64 29.53
CA ARG B 503 -23.97 1.62 30.17
C ARG B 503 -25.44 1.33 30.00
N ARG B 504 -25.86 1.07 28.77
CA ARG B 504 -27.28 0.85 28.53
C ARG B 504 -27.79 -0.39 29.29
N ILE B 505 -26.97 -1.43 29.44
CA ILE B 505 -27.38 -2.60 30.23
C ILE B 505 -27.59 -2.27 31.69
N VAL B 506 -26.62 -1.59 32.31
CA VAL B 506 -26.75 -1.16 33.70
C VAL B 506 -28.00 -0.29 33.87
N ALA B 507 -28.18 0.62 32.91
CA ALA B 507 -29.31 1.52 32.88
C ALA B 507 -30.63 0.76 32.91
N GLN B 508 -30.83 -0.15 31.95
CA GLN B 508 -32.05 -0.96 31.93
C GLN B 508 -32.22 -1.74 33.22
N HIS B 509 -31.12 -2.23 33.78
CA HIS B 509 -31.23 -2.99 35.00
C HIS B 509 -31.76 -2.14 36.15
N PHE B 510 -31.34 -0.88 36.24
CA PHE B 510 -31.82 -0.12 37.39
C PHE B 510 -33.10 0.66 37.11
N LEU B 511 -33.52 0.69 35.84
CA LEU B 511 -34.80 1.32 35.50
C LEU B 511 -35.97 0.36 35.70
P AMP C . 11.46 8.32 -28.78
O1P AMP C . 10.29 9.26 -28.97
O2P AMP C . 12.81 8.92 -29.11
O3P AMP C . 11.46 7.54 -27.49
O5' AMP C . 11.34 7.23 -29.95
C5' AMP C . 10.21 7.15 -30.80
C4' AMP C . 10.50 6.25 -31.99
O4' AMP C . 10.59 4.86 -31.55
C3' AMP C . 9.43 6.20 -33.05
O3' AMP C . 9.44 7.36 -33.88
C2' AMP C . 9.77 4.90 -33.78
O2' AMP C . 10.87 5.12 -34.66
C1' AMP C . 10.25 4.02 -32.63
N9 AMP C . 9.21 3.09 -32.15
C8 AMP C . 8.32 3.30 -31.17
N7 AMP C . 7.51 2.21 -31.01
C5 AMP C . 7.94 1.28 -31.91
C6 AMP C . 7.57 -0.10 -32.30
N6 AMP C . 6.56 -0.73 -31.64
N1 AMP C . 8.26 -0.69 -33.30
C2 AMP C . 9.28 -0.06 -33.94
N3 AMP C . 9.66 1.19 -33.64
C4 AMP C . 9.04 1.87 -32.66
C1 OXD D . 8.87 6.01 -26.97
C2 OXD D . 7.55 5.55 -26.48
O3 OXD D . 9.07 7.26 -26.87
O4 OXD D . 6.73 6.50 -26.37
O5 OXD D . 9.64 5.16 -27.44
O6 OXD D . 7.32 4.33 -26.21
P AMP E . -14.57 -1.95 20.31
O1P AMP E . -16.04 -2.29 20.30
O2P AMP E . -13.95 -1.71 18.94
O3P AMP E . -13.77 -2.88 21.19
O5' AMP E . -14.59 -0.55 21.09
C5' AMP E . -14.00 0.62 20.56
C4' AMP E . -14.48 1.84 21.33
O4' AMP E . -13.89 1.86 22.64
C3' AMP E . -14.07 3.19 20.76
O3' AMP E . -14.86 3.56 19.64
C2' AMP E . -14.23 4.10 21.97
O2' AMP E . -15.60 4.44 22.16
C1' AMP E . -13.81 3.19 23.10
N9 AMP E . -12.44 3.42 23.56
C8 AMP E . -11.30 2.79 23.17
N7 AMP E . -10.23 3.27 23.84
C5 AMP E . -10.69 4.21 24.69
C6 AMP E . -10.12 5.10 25.72
N6 AMP E . -8.79 5.10 25.98
N1 AMP E . -10.98 5.95 26.36
C2 AMP E . -12.32 5.96 26.12
N3 AMP E . -12.90 5.18 25.21
C4 AMP E . -12.15 4.31 24.49
C1 OXD F . -10.85 -2.01 21.56
C2 OXD F . -9.38 -1.83 21.52
O3 OXD F . -11.48 -1.55 22.54
O4 OXD F . -8.71 -1.56 22.58
O5 OXD F . -11.36 -2.60 20.55
O6 OXD F . -8.91 -1.94 20.36
#